data_6V9J
#
_entry.id   6V9J
#
_cell.length_a   183.430
_cell.length_b   183.430
_cell.length_c   178.449
_cell.angle_alpha   90.000
_cell.angle_beta   90.000
_cell.angle_gamma   90.000
#
_symmetry.space_group_name_H-M   'I 4 2 2'
#
loop_
_entity.id
_entity.type
_entity.pdbx_description
1 polymer 'GTPase HRas'
2 polymer 'Son of sevenless homolog 1'
3 polymer 'GTPase HRas'
4 non-polymer 'PHOSPHOAMINOPHOSPHONIC ACID-GUANYLATE ESTER'
5 non-polymer 'MAGNESIUM ION'
6 non-polymer 3-(2-aminoethyl)-4-(3-chloro-4-fluorophenoxy)benzene-1-sulfonamide
7 non-polymer 'FORMIC ACID'
8 non-polymer GLYCEROL
9 non-polymer 'SODIUM ION'
10 water water
#
loop_
_entity_poly.entity_id
_entity_poly.type
_entity_poly.pdbx_seq_one_letter_code
_entity_poly.pdbx_strand_id
1 'polypeptide(L)'
;GMTEYKLVVVGAGGVGKSALTIQLIQNHFVDEYDPTIEDSYRKQVVIDGET(CSO)LLDILDTAGQEEASAMRDQYMRTG
EGFLCVFAINNTKSFEDIHQYREQIKRVKDSDDVPMVLVGNKCDLAARTVESRQAQDLARSYGIPYIETSAKTRQGVEDA
FYTLVREIRQH
;
A
2 'polypeptide(L)'
;GQMRLPSADVYRFAEPDSEENIIFEENMQPKAGIPIIKAGTVIKLIERLTYHMYADPNFVRTFLTTYRSFCKPQELLSLI
IERFEIPEPEPTEADRIAIENGDQPLSAELKRFRKEYIQPVQLRVLNVCRHWVEHHFYDFERDAYLLQRMEEFIGTVRGK
AMKKWVESITKIIQRKKIARDNGPGHNITFQSSPPTVEWHISRPGHIETFDLLTLHPIEIARQLTLLESDLYRAVQPSEL
VGSVWTKEDKEINSPNLLKMIRHTTNLTLWFEKCIVETENLEERVAVVSRIIEILQVFQELNNFNGVLEVVSAMNSSPVY
RLDHTFEQIPSRQKKILEEAHELSEDHYKKYLAKLRSINPPCVPFFGIYLTNILKTEEGNPEVLKRHGKELINFSKRRKV
AEITGEIQQYQNQPYCLRVESDIKRFFENLNPMGNSMEKEFTDYLFNKSLEIEPRNPKPLPRFPKKYSYPLKSPGVRPSN
PR
;
B
3 'polypeptide(L)'
;GMTEYKLVVVGAGGVGKSALTIQLIQNHFVDEYDPTIEDSYRKQVVIDGETCLLDILDTAGQEEYSAMRDQYMRTGEGFL
CVFAINNTKSFEDIHQYREQIKRVKDSDDVPMVLVGNKCDLAARTVESRQAQDLARSYGIPYIETSAKTRQGVEDAFYTL
VREIRQH
;
C
#
loop_
_chem_comp.id
_chem_comp.type
_chem_comp.name
_chem_comp.formula
FMT non-polymer 'FORMIC ACID' 'C H2 O2'
GNP non-polymer 'PHOSPHOAMINOPHOSPHONIC ACID-GUANYLATE ESTER' 'C10 H17 N6 O13 P3'
GOL non-polymer GLYCEROL 'C3 H8 O3'
MG non-polymer 'MAGNESIUM ION' 'Mg 2'
NA non-polymer 'SODIUM ION' 'Na 1'
QTM non-polymer 3-(2-aminoethyl)-4-(3-chloro-4-fluorophenoxy)benzene-1-sulfonamide 'C14 H14 Cl F N2 O3 S'
#
# COMPACT_ATOMS: atom_id res chain seq x y z
N MET A 2 -2.94 -13.51 11.45
CA MET A 2 -1.95 -12.55 11.90
C MET A 2 -2.38 -11.84 13.20
N THR A 3 -1.67 -12.12 14.28
CA THR A 3 -1.91 -11.40 15.53
C THR A 3 -1.25 -10.03 15.46
N GLU A 4 -1.91 -9.04 16.00
CA GLU A 4 -1.40 -7.68 16.05
C GLU A 4 -0.88 -7.38 17.45
N TYR A 5 0.30 -6.76 17.55
CA TYR A 5 0.91 -6.40 18.83
C TYR A 5 1.20 -4.90 18.86
N LYS A 6 0.78 -4.24 19.95
CA LYS A 6 0.98 -2.80 20.09
C LYS A 6 2.19 -2.56 21.00
N LEU A 7 3.32 -2.18 20.40
CA LEU A 7 4.54 -1.92 21.14
C LEU A 7 4.73 -0.43 21.27
N VAL A 8 5.25 0.00 22.43
CA VAL A 8 5.51 1.41 22.66
C VAL A 8 6.95 1.56 23.10
N VAL A 9 7.66 2.51 22.52
CA VAL A 9 9.07 2.76 22.85
C VAL A 9 9.14 4.03 23.68
N VAL A 10 9.66 3.93 24.91
CA VAL A 10 9.68 5.05 25.84
C VAL A 10 11.09 5.22 26.41
N GLY A 11 11.34 6.40 26.96
CA GLY A 11 12.64 6.71 27.53
C GLY A 11 13.00 8.17 27.31
N ALA A 12 14.08 8.59 27.96
CA ALA A 12 14.50 9.99 27.97
C ALA A 12 14.83 10.50 26.57
N GLY A 13 14.78 11.81 26.41
CA GLY A 13 15.11 12.40 25.13
C GLY A 13 16.54 12.08 24.72
N GLY A 14 16.71 11.73 23.45
CA GLY A 14 18.02 11.53 22.86
C GLY A 14 18.65 10.17 23.08
N VAL A 15 17.93 9.22 23.68
CA VAL A 15 18.57 7.93 23.95
C VAL A 15 18.60 7.02 22.74
N GLY A 16 17.86 7.35 21.69
CA GLY A 16 17.85 6.58 20.46
C GLY A 16 16.57 5.79 20.20
N LYS A 17 15.44 6.19 20.77
CA LYS A 17 14.19 5.47 20.54
C LYS A 17 13.83 5.45 19.05
N SER A 18 13.91 6.63 18.42
CA SER A 18 13.57 6.71 17.01
C SER A 18 14.60 5.99 16.15
N ALA A 19 15.88 6.17 16.45
CA ALA A 19 16.91 5.46 15.68
C ALA A 19 16.73 3.95 15.79
N LEU A 20 16.41 3.45 16.98
CA LEU A 20 16.15 2.02 17.13
C LEU A 20 14.97 1.59 16.27
N THR A 21 13.89 2.37 16.30
CA THR A 21 12.68 1.99 15.57
C THR A 21 12.91 2.03 14.07
N ILE A 22 13.56 3.08 13.58
CA ILE A 22 13.81 3.19 12.13
C ILE A 22 14.79 2.13 11.66
N GLN A 23 15.77 1.77 12.48
CA GLN A 23 16.66 0.66 12.13
C GLN A 23 15.86 -0.64 11.99
N LEU A 24 14.94 -0.91 12.92
CA LEU A 24 14.09 -2.09 12.80
C LEU A 24 13.23 -2.04 11.54
N ILE A 25 12.64 -0.88 11.25
CA ILE A 25 11.65 -0.79 10.18
C ILE A 25 12.31 -0.73 8.81
N GLN A 26 13.39 0.07 8.69
CA GLN A 26 13.96 0.39 7.38
C GLN A 26 15.39 -0.09 7.19
N ASN A 27 16.02 -0.67 8.20
CA ASN A 27 17.43 -1.07 8.13
C ASN A 27 18.34 0.11 7.84
N HIS A 28 17.98 1.29 8.38
CA HIS A 28 18.68 2.54 8.14
C HIS A 28 18.97 3.20 9.47
N PHE A 29 20.17 3.75 9.64
CA PHE A 29 20.53 4.47 10.86
C PHE A 29 20.39 5.97 10.65
N VAL A 30 19.58 6.62 11.49
CA VAL A 30 19.34 8.06 11.40
C VAL A 30 20.41 8.78 12.22
N ASP A 31 21.18 9.63 11.55
CA ASP A 31 22.23 10.41 12.22
C ASP A 31 21.67 11.65 12.89
N GLU A 32 20.62 12.23 12.33
CA GLU A 32 20.04 13.45 12.87
C GLU A 32 19.34 13.15 14.19
N TYR A 33 19.24 14.20 15.01
CA TYR A 33 18.53 14.16 16.28
C TYR A 33 17.34 15.12 16.10
N ASP A 34 16.22 14.60 15.59
CA ASP A 34 14.96 15.31 15.40
C ASP A 34 14.00 14.88 16.51
N PRO A 35 13.79 15.67 17.55
CA PRO A 35 12.95 15.21 18.67
C PRO A 35 11.54 14.85 18.22
N THR A 36 11.09 13.69 18.68
CA THR A 36 9.80 13.14 18.28
C THR A 36 8.68 13.77 19.09
N ILE A 37 7.52 13.91 18.47
CA ILE A 37 6.30 14.24 19.20
C ILE A 37 5.53 12.94 19.40
N GLU A 38 5.08 12.31 18.31
CA GLU A 38 4.63 10.92 18.35
C GLU A 38 4.56 10.38 16.93
N ASP A 39 5.21 9.24 16.70
CA ASP A 39 5.26 8.60 15.39
C ASP A 39 4.78 7.16 15.54
N SER A 40 4.26 6.59 14.46
CA SER A 40 3.83 5.21 14.50
CA SER A 40 3.75 5.23 14.46
C SER A 40 4.28 4.49 13.25
N TYR A 41 4.61 3.22 13.43
CA TYR A 41 5.14 2.37 12.36
C TYR A 41 4.44 1.02 12.40
N ARG A 42 4.41 0.33 11.26
CA ARG A 42 3.89 -1.03 11.20
C ARG A 42 4.91 -1.93 10.55
N LYS A 43 4.97 -3.18 11.03
CA LYS A 43 5.91 -4.15 10.50
C LYS A 43 5.31 -5.55 10.57
N GLN A 44 5.17 -6.20 9.41
CA GLN A 44 4.82 -7.61 9.35
C GLN A 44 6.10 -8.43 9.45
N VAL A 45 6.12 -9.40 10.37
CA VAL A 45 7.35 -10.16 10.60
C VAL A 45 6.98 -11.51 11.19
N VAL A 46 7.73 -12.54 10.82
CA VAL A 46 7.53 -13.88 11.38
C VAL A 46 8.45 -14.02 12.59
N ILE A 47 7.86 -14.30 13.76
CA ILE A 47 8.60 -14.46 15.01
C ILE A 47 8.24 -15.82 15.58
N ASP A 48 9.25 -16.65 15.83
CA ASP A 48 9.06 -18.02 16.31
C ASP A 48 8.03 -18.76 15.47
N GLY A 49 8.12 -18.59 14.15
CA GLY A 49 7.27 -19.29 13.21
C GLY A 49 5.87 -18.77 13.04
N GLU A 50 5.50 -17.69 13.73
N GLU A 50 5.48 -17.72 13.76
CA GLU A 50 4.15 -17.14 13.64
CA GLU A 50 4.15 -17.14 13.67
C GLU A 50 4.22 -15.73 13.07
C GLU A 50 4.24 -15.74 13.06
N THR A 51 3.43 -15.47 12.04
CA THR A 51 3.40 -14.17 11.44
C THR A 51 2.65 -13.20 12.33
N CSO A 52 3.22 -12.03 12.56
CA CSO A 52 2.39 -11.00 13.17
CB CSO A 52 2.56 -10.96 14.66
SG CSO A 52 4.27 -10.73 14.99
C CSO A 52 2.64 -9.63 12.63
O CSO A 52 3.53 -9.40 11.81
OD CSO A 52 4.65 -12.36 15.59
N LEU A 53 1.83 -8.72 13.15
CA LEU A 53 1.84 -7.36 12.69
C LEU A 53 2.18 -6.52 13.91
N LEU A 54 3.32 -5.85 13.86
CA LEU A 54 3.73 -5.01 14.97
C LEU A 54 3.28 -3.59 14.69
N ASP A 55 2.57 -2.98 15.63
CA ASP A 55 2.30 -1.55 15.62
C ASP A 55 3.24 -0.93 16.63
N ILE A 56 4.13 -0.05 16.18
CA ILE A 56 5.16 0.48 17.07
C ILE A 56 4.91 1.97 17.23
N LEU A 57 4.70 2.39 18.47
CA LEU A 57 4.52 3.80 18.78
C LEU A 57 5.84 4.34 19.30
N ASP A 58 6.34 5.38 18.65
CA ASP A 58 7.61 6.01 18.99
C ASP A 58 7.29 7.32 19.69
N THR A 59 7.68 7.45 20.97
CA THR A 59 7.14 8.53 21.81
C THR A 59 8.18 9.62 22.06
N ALA A 60 7.70 10.69 22.69
CA ALA A 60 8.52 11.87 22.95
C ALA A 60 9.28 11.70 24.27
N GLY A 61 10.59 11.85 24.21
CA GLY A 61 11.39 11.85 25.43
C GLY A 61 11.60 13.22 26.03
N GLN A 62 11.43 14.30 25.26
CA GLN A 62 11.70 15.63 25.81
C GLN A 62 10.73 15.91 26.97
N GLU A 63 11.25 16.55 28.02
CA GLU A 63 10.46 16.74 29.24
C GLU A 63 9.24 17.62 28.97
N GLU A 64 9.31 18.50 27.97
CA GLU A 64 8.18 19.36 27.65
C GLU A 64 6.93 18.57 27.25
N ALA A 65 7.08 17.30 26.87
CA ALA A 65 5.93 16.48 26.54
C ALA A 65 5.52 15.55 27.67
N SER A 66 6.03 15.76 28.89
CA SER A 66 5.88 14.73 29.93
C SER A 66 4.45 14.62 30.44
N ALA A 67 3.60 15.60 30.18
CA ALA A 67 2.21 15.52 30.64
C ALA A 67 1.30 14.82 29.64
N MET A 68 1.83 14.24 28.56
CA MET A 68 1.00 13.70 27.49
C MET A 68 1.15 12.18 27.34
N ARG A 69 1.59 11.49 28.39
CA ARG A 69 1.96 10.08 28.28
C ARG A 69 0.83 9.11 28.58
N ASP A 70 -0.11 9.46 29.46
CA ASP A 70 -1.16 8.50 29.82
C ASP A 70 -1.85 7.94 28.59
N GLN A 71 -2.13 8.81 27.61
CA GLN A 71 -2.93 8.40 26.45
C GLN A 71 -2.23 7.29 25.65
N TYR A 72 -0.91 7.35 25.52
CA TYR A 72 -0.28 6.24 24.80
C TYR A 72 0.00 5.03 25.68
N MET A 73 0.15 5.24 26.99
CA MET A 73 0.36 4.09 27.87
C MET A 73 -0.90 3.24 27.97
N ARG A 74 -2.08 3.86 27.82
CA ARG A 74 -3.32 3.09 27.87
C ARG A 74 -3.40 2.12 26.70
N THR A 75 -2.96 2.54 25.51
CA THR A 75 -3.14 1.70 24.33
C THR A 75 -2.06 0.64 24.19
N GLY A 76 -0.90 0.82 24.79
CA GLY A 76 0.21 -0.09 24.54
C GLY A 76 0.04 -1.43 25.25
N GLU A 77 0.47 -2.50 24.57
CA GLU A 77 0.47 -3.82 25.18
CA GLU A 77 0.48 -3.84 25.15
C GLU A 77 1.83 -4.19 25.75
N GLY A 78 2.90 -3.63 25.23
CA GLY A 78 4.23 -3.88 25.75
C GLY A 78 5.10 -2.66 25.55
N PHE A 79 6.11 -2.51 26.40
CA PHE A 79 6.91 -1.29 26.40
C PHE A 79 8.39 -1.61 26.34
N LEU A 80 9.08 -1.02 25.37
N LEU A 80 9.09 -0.93 25.43
CA LEU A 80 10.54 -0.97 25.40
CA LEU A 80 10.54 -0.95 25.36
C LEU A 80 10.93 0.24 26.21
C LEU A 80 11.07 0.25 26.13
N CYS A 81 11.65 0.01 27.31
CA CYS A 81 12.12 1.09 28.17
C CYS A 81 13.59 1.33 27.87
N VAL A 82 13.88 2.43 27.18
CA VAL A 82 15.20 2.65 26.58
C VAL A 82 15.96 3.70 27.38
N PHE A 83 17.21 3.40 27.71
CA PHE A 83 18.17 4.41 28.15
C PHE A 83 19.41 4.27 27.27
N ALA A 84 20.34 5.21 27.40
CA ALA A 84 21.60 5.15 26.66
C ALA A 84 22.74 4.86 27.63
N ILE A 85 23.62 3.92 27.27
CA ILE A 85 24.62 3.45 28.23
C ILE A 85 25.71 4.47 28.49
N ASN A 86 25.72 5.58 27.76
CA ASN A 86 26.64 6.67 28.04
C ASN A 86 25.94 7.88 28.66
N ASN A 87 24.75 7.70 29.24
N ASN A 87 24.78 7.67 29.29
CA ASN A 87 24.01 8.81 29.83
CA ASN A 87 23.96 8.76 29.81
C ASN A 87 23.36 8.31 31.12
C ASN A 87 23.30 8.25 31.11
N THR A 88 23.99 8.62 32.26
N THR A 88 23.95 8.54 32.24
CA THR A 88 23.50 8.11 33.54
CA THR A 88 23.45 8.03 33.52
C THR A 88 22.12 8.65 33.88
C THR A 88 22.09 8.64 33.88
N LYS A 89 21.86 9.91 33.53
CA LYS A 89 20.55 10.49 33.83
C LYS A 89 19.43 9.73 33.13
N SER A 90 19.66 9.29 31.88
CA SER A 90 18.63 8.53 31.18
C SER A 90 18.36 7.19 31.87
N PHE A 91 19.39 6.60 32.47
CA PHE A 91 19.16 5.38 33.25
C PHE A 91 18.35 5.67 34.50
N GLU A 92 18.64 6.78 35.17
CA GLU A 92 17.85 7.16 36.35
C GLU A 92 16.41 7.53 35.97
N ASP A 93 16.16 7.94 34.73
CA ASP A 93 14.80 8.24 34.30
C ASP A 93 13.96 6.99 34.07
N ILE A 94 14.59 5.81 33.97
CA ILE A 94 13.84 4.60 33.65
C ILE A 94 12.76 4.33 34.68
N HIS A 95 13.07 4.51 35.96
CA HIS A 95 12.10 4.08 36.96
C HIS A 95 10.84 4.95 36.91
N GLN A 96 10.97 6.22 36.51
N GLN A 96 10.96 6.21 36.49
CA GLN A 96 9.77 7.04 36.34
CA GLN A 96 9.79 7.06 36.35
C GLN A 96 8.84 6.46 35.29
C GLN A 96 8.85 6.53 35.26
N TYR A 97 9.40 6.05 34.14
CA TYR A 97 8.58 5.45 33.10
C TYR A 97 7.95 4.14 33.59
N ARG A 98 8.75 3.30 34.26
CA ARG A 98 8.23 2.04 34.79
C ARG A 98 7.06 2.28 35.72
N GLU A 99 7.18 3.26 36.63
CA GLU A 99 6.13 3.50 37.59
C GLU A 99 4.88 4.09 36.95
N GLN A 100 5.05 4.98 35.97
CA GLN A 100 3.88 5.55 35.32
C GLN A 100 3.13 4.50 34.52
N ILE A 101 3.85 3.61 33.83
CA ILE A 101 3.18 2.56 33.06
C ILE A 101 2.35 1.68 33.99
N LYS A 102 2.94 1.30 35.12
CA LYS A 102 2.22 0.46 36.10
C LYS A 102 0.98 1.17 36.62
N ARG A 103 1.07 2.47 36.88
N ARG A 103 1.06 2.48 36.82
CA ARG A 103 -0.10 3.19 37.37
CA ARG A 103 -0.06 3.23 37.36
C ARG A 103 -1.20 3.23 36.31
C ARG A 103 -1.19 3.36 36.35
N VAL A 104 -0.84 3.64 35.08
CA VAL A 104 -1.84 3.83 34.04
C VAL A 104 -2.53 2.52 33.70
N LYS A 105 -1.76 1.45 33.54
CA LYS A 105 -2.37 0.17 33.21
C LYS A 105 -2.88 -0.56 34.44
N ASP A 106 -2.69 0.01 35.62
CA ASP A 106 -3.20 -0.55 36.88
C ASP A 106 -2.77 -2.01 37.01
N SER A 107 -1.47 -2.25 36.85
CA SER A 107 -0.99 -3.61 36.77
C SER A 107 0.48 -3.68 37.16
N ASP A 108 0.82 -4.72 37.91
CA ASP A 108 2.18 -5.03 38.31
C ASP A 108 2.91 -5.88 37.27
N ASP A 109 2.23 -6.28 36.20
CA ASP A 109 2.69 -7.34 35.31
C ASP A 109 2.53 -6.93 33.84
N VAL A 110 3.09 -5.77 33.49
CA VAL A 110 3.02 -5.27 32.12
C VAL A 110 4.23 -5.78 31.33
N PRO A 111 4.04 -6.32 30.12
CA PRO A 111 5.21 -6.75 29.32
C PRO A 111 6.15 -5.58 29.07
N MET A 112 7.42 -5.78 29.41
N MET A 112 7.43 -5.77 29.40
CA MET A 112 8.44 -4.77 29.23
CA MET A 112 8.43 -4.73 29.25
C MET A 112 9.77 -5.43 28.89
C MET A 112 9.81 -5.34 29.04
N VAL A 113 10.65 -4.64 28.28
CA VAL A 113 12.05 -5.00 28.09
C VAL A 113 12.88 -3.75 28.42
N LEU A 114 13.95 -3.92 29.19
CA LEU A 114 14.89 -2.84 29.46
C LEU A 114 15.97 -2.83 28.38
N VAL A 115 16.17 -1.68 27.73
CA VAL A 115 17.08 -1.58 26.59
C VAL A 115 18.16 -0.55 26.90
N GLY A 116 19.41 -0.99 26.86
CA GLY A 116 20.54 -0.08 26.98
C GLY A 116 21.13 0.18 25.62
N ASN A 117 20.85 1.35 25.05
CA ASN A 117 21.20 1.65 23.67
C ASN A 117 22.55 2.36 23.57
N LYS A 118 23.04 2.46 22.32
CA LYS A 118 24.33 3.07 21.98
C LYS A 118 25.50 2.21 22.44
N CYS A 119 25.35 0.87 22.41
CA CYS A 119 26.41 0.01 22.87
C CYS A 119 27.59 -0.05 21.90
N ASP A 120 27.51 0.63 20.76
CA ASP A 120 28.64 0.80 19.87
C ASP A 120 29.66 1.80 20.40
N LEU A 121 29.28 2.62 21.38
CA LEU A 121 30.17 3.66 21.90
C LEU A 121 31.03 3.10 23.03
N ALA A 122 32.32 3.41 23.00
CA ALA A 122 33.24 2.90 24.02
C ALA A 122 33.04 3.58 25.37
N ALA A 123 32.64 4.84 25.38
CA ALA A 123 32.59 5.65 26.61
C ALA A 123 31.32 5.37 27.40
N ARG A 124 31.24 4.16 27.94
CA ARG A 124 30.10 3.75 28.75
C ARG A 124 30.15 4.38 30.14
N THR A 125 28.99 4.84 30.63
CA THR A 125 28.88 5.31 32.02
C THR A 125 27.90 4.52 32.87
N VAL A 126 27.06 3.69 32.27
CA VAL A 126 26.16 2.79 32.99
C VAL A 126 26.69 1.38 32.78
N GLU A 127 27.04 0.69 33.87
CA GLU A 127 27.57 -0.66 33.73
C GLU A 127 26.43 -1.65 33.51
N SER A 128 26.73 -2.70 32.73
CA SER A 128 25.71 -3.70 32.44
C SER A 128 25.14 -4.30 33.71
N ARG A 129 25.99 -4.52 34.72
CA ARG A 129 25.54 -5.14 35.96
C ARG A 129 24.47 -4.29 36.64
N GLN A 130 24.65 -2.98 36.67
CA GLN A 130 23.66 -2.11 37.31
C GLN A 130 22.32 -2.17 36.58
N ALA A 131 22.35 -2.19 35.25
CA ALA A 131 21.11 -2.29 34.49
C ALA A 131 20.49 -3.66 34.65
N GLN A 132 21.30 -4.71 34.66
CA GLN A 132 20.77 -6.06 34.83
C GLN A 132 20.11 -6.21 36.20
N ASP A 133 20.72 -5.64 37.24
CA ASP A 133 20.12 -5.67 38.58
C ASP A 133 18.74 -5.03 38.56
N LEU A 134 18.61 -3.86 37.91
CA LEU A 134 17.32 -3.20 37.80
C LEU A 134 16.32 -4.07 37.05
N ALA A 135 16.74 -4.63 35.91
CA ALA A 135 15.84 -5.48 35.15
C ALA A 135 15.34 -6.64 36.00
N ARG A 136 16.22 -7.30 36.75
CA ARG A 136 15.80 -8.43 37.58
C ARG A 136 14.78 -7.98 38.61
N SER A 137 14.98 -6.78 39.19
CA SER A 137 14.02 -6.27 40.17
C SER A 137 12.65 -6.02 39.54
N TYR A 138 12.60 -5.81 38.22
CA TYR A 138 11.36 -5.64 37.48
C TYR A 138 10.82 -6.94 36.93
N GLY A 139 11.62 -8.01 36.97
CA GLY A 139 11.20 -9.26 36.36
C GLY A 139 11.26 -9.28 34.84
N ILE A 140 12.13 -8.48 34.23
CA ILE A 140 12.14 -8.33 32.78
C ILE A 140 13.55 -8.52 32.25
N PRO A 141 13.69 -8.86 30.96
CA PRO A 141 15.03 -9.00 30.40
C PRO A 141 15.66 -7.65 30.12
N TYR A 142 17.00 -7.69 30.03
CA TYR A 142 17.81 -6.53 29.69
C TYR A 142 18.59 -6.84 28.42
N ILE A 143 18.47 -5.97 27.41
CA ILE A 143 19.13 -6.19 26.13
C ILE A 143 19.87 -4.92 25.75
N GLU A 144 21.17 -5.04 25.47
CA GLU A 144 21.93 -3.90 24.99
C GLU A 144 21.89 -3.86 23.47
N THR A 145 21.74 -2.65 22.93
CA THR A 145 21.48 -2.47 21.51
C THR A 145 22.36 -1.37 20.95
N SER A 146 22.52 -1.41 19.62
CA SER A 146 23.04 -0.26 18.87
C SER A 146 22.15 -0.03 17.66
N ALA A 147 21.48 1.11 17.62
CA ALA A 147 20.73 1.48 16.44
C ALA A 147 21.67 1.72 15.26
N LYS A 148 22.94 2.03 15.53
CA LYS A 148 23.91 2.31 14.48
C LYS A 148 24.35 1.02 13.78
N THR A 149 24.71 -0.01 14.55
CA THR A 149 25.25 -1.24 13.98
C THR A 149 24.22 -2.36 13.81
N ARG A 150 23.01 -2.20 14.37
CA ARG A 150 21.92 -3.19 14.47
C ARG A 150 22.13 -4.19 15.59
N GLN A 151 23.24 -4.17 16.32
CA GLN A 151 23.43 -5.12 17.40
C GLN A 151 22.23 -5.09 18.35
N GLY A 152 21.65 -6.27 18.59
CA GLY A 152 20.58 -6.41 19.58
C GLY A 152 19.22 -5.86 19.20
N VAL A 153 19.06 -5.22 18.05
CA VAL A 153 17.83 -4.48 17.77
C VAL A 153 16.66 -5.44 17.59
N GLU A 154 16.81 -6.44 16.71
CA GLU A 154 15.74 -7.42 16.56
C GLU A 154 15.48 -8.15 17.88
N ASP A 155 16.55 -8.49 18.61
CA ASP A 155 16.38 -9.18 19.88
C ASP A 155 15.52 -8.37 20.85
N ALA A 156 15.74 -7.05 20.90
CA ALA A 156 14.98 -6.25 21.86
C ALA A 156 13.50 -6.24 21.50
N PHE A 157 13.17 -5.93 20.24
CA PHE A 157 11.77 -5.84 19.85
C PHE A 157 11.10 -7.20 19.87
N TYR A 158 11.80 -8.24 19.40
CA TYR A 158 11.10 -9.52 19.31
C TYR A 158 11.00 -10.19 20.66
N THR A 159 11.93 -9.90 21.58
CA THR A 159 11.75 -10.35 22.96
C THR A 159 10.50 -9.72 23.57
N LEU A 160 10.25 -8.44 23.28
CA LEU A 160 9.03 -7.81 23.80
C LEU A 160 7.79 -8.49 23.24
N VAL A 161 7.81 -8.84 21.95
CA VAL A 161 6.67 -9.56 21.37
C VAL A 161 6.43 -10.87 22.12
N ARG A 162 7.50 -11.62 22.41
CA ARG A 162 7.34 -12.88 23.13
C ARG A 162 6.74 -12.66 24.52
N GLU A 163 7.11 -11.56 25.17
CA GLU A 163 6.55 -11.24 26.49
CA GLU A 163 6.54 -11.29 26.48
C GLU A 163 5.05 -10.98 26.39
N ILE A 164 4.64 -10.25 25.37
CA ILE A 164 3.21 -10.01 25.17
C ILE A 164 2.51 -11.31 24.86
N ARG A 165 3.13 -12.16 24.03
CA ARG A 165 2.52 -13.42 23.65
C ARG A 165 2.30 -14.33 24.86
N GLN A 166 3.24 -14.33 25.81
CA GLN A 166 3.14 -15.21 26.97
C GLN A 166 2.44 -14.54 28.16
N HIS A 167 1.97 -13.32 27.98
CA HIS A 167 1.26 -12.60 29.03
C HIS A 167 -0.14 -13.20 29.28
N GLY B 1 -13.88 18.65 37.54
CA GLY B 1 -14.69 18.88 36.34
C GLY B 1 -13.84 19.09 35.11
N GLN B 2 -14.49 19.11 33.94
CA GLN B 2 -13.77 19.39 32.71
C GLN B 2 -13.27 20.82 32.69
N MET B 3 -12.19 21.05 31.94
CA MET B 3 -11.73 22.41 31.74
C MET B 3 -12.78 23.18 30.98
N ARG B 4 -12.96 24.45 31.35
CA ARG B 4 -13.73 25.34 30.51
C ARG B 4 -12.92 25.67 29.25
N LEU B 5 -13.63 26.06 28.20
CA LEU B 5 -13.04 26.33 26.89
C LEU B 5 -13.23 27.78 26.50
N PRO B 6 -12.46 28.27 25.53
CA PRO B 6 -12.77 29.60 24.98
C PRO B 6 -14.17 29.60 24.38
N SER B 7 -14.75 30.79 24.34
CA SER B 7 -16.02 30.97 23.63
C SER B 7 -15.88 30.55 22.18
N ALA B 8 -16.85 29.79 21.68
CA ALA B 8 -16.81 29.36 20.29
C ALA B 8 -16.88 30.53 19.33
N ASP B 9 -17.25 31.72 19.81
CA ASP B 9 -17.26 32.92 18.98
C ASP B 9 -15.85 33.45 18.71
N VAL B 10 -14.91 33.24 19.63
CA VAL B 10 -13.53 33.67 19.40
C VAL B 10 -12.63 32.51 18.96
N TYR B 11 -13.03 31.26 19.17
CA TYR B 11 -12.20 30.11 18.85
C TYR B 11 -13.11 28.99 18.34
N ARG B 12 -13.10 28.77 17.02
CA ARG B 12 -14.12 27.94 16.40
C ARG B 12 -14.06 26.48 16.83
N PHE B 13 -12.91 26.01 17.28
CA PHE B 13 -12.73 24.61 17.61
C PHE B 13 -13.29 24.25 18.99
N ALA B 14 -13.98 25.17 19.65
CA ALA B 14 -14.62 24.91 20.93
C ALA B 14 -16.11 24.67 20.81
N GLU B 15 -16.64 24.64 19.59
CA GLU B 15 -18.04 24.31 19.40
C GLU B 15 -18.31 22.90 19.94
N PRO B 16 -19.43 22.68 20.62
CA PRO B 16 -19.73 21.32 21.10
C PRO B 16 -19.95 20.34 19.96
N ASP B 17 -19.53 19.09 20.18
CA ASP B 17 -19.87 18.01 19.26
C ASP B 17 -21.38 17.88 19.17
N SER B 18 -21.88 17.68 17.95
CA SER B 18 -23.27 17.34 17.74
C SER B 18 -23.36 16.52 16.47
N GLU B 19 -24.51 15.86 16.26
CA GLU B 19 -24.66 15.14 15.01
C GLU B 19 -24.73 16.05 13.80
N GLU B 20 -24.86 17.37 13.99
CA GLU B 20 -24.76 18.28 12.87
C GLU B 20 -23.33 18.60 12.48
N ASN B 21 -22.32 18.18 13.28
CA ASN B 21 -20.95 18.44 12.87
C ASN B 21 -19.98 17.27 13.00
N ILE B 22 -20.36 16.17 13.67
CA ILE B 22 -19.46 15.02 13.75
C ILE B 22 -20.29 13.76 14.03
N ILE B 23 -19.95 12.68 13.34
CA ILE B 23 -20.60 11.39 13.53
C ILE B 23 -19.52 10.34 13.78
N PHE B 24 -19.66 9.58 14.86
CA PHE B 24 -18.69 8.55 15.18
C PHE B 24 -19.19 7.18 14.73
N GLU B 25 -18.25 6.28 14.45
CA GLU B 25 -18.60 4.89 14.21
C GLU B 25 -19.04 4.22 15.51
N GLU B 26 -19.80 3.14 15.37
CA GLU B 26 -20.17 2.32 16.52
C GLU B 26 -18.99 1.44 16.92
N GLY B 33 -8.98 2.85 23.10
CA GLY B 33 -10.41 3.10 23.14
C GLY B 33 -10.77 4.51 22.68
N ILE B 34 -10.09 4.97 21.64
CA ILE B 34 -10.38 6.31 21.12
C ILE B 34 -11.49 6.20 20.07
N PRO B 35 -12.31 7.23 19.92
CA PRO B 35 -13.40 7.16 18.94
C PRO B 35 -12.88 7.13 17.52
N ILE B 36 -13.67 6.52 16.65
CA ILE B 36 -13.41 6.45 15.22
C ILE B 36 -14.43 7.32 14.52
N ILE B 37 -13.97 8.24 13.67
CA ILE B 37 -14.85 9.24 13.08
C ILE B 37 -15.42 8.69 11.78
N LYS B 38 -16.75 8.70 11.66
CA LYS B 38 -17.38 8.35 10.39
C LYS B 38 -17.46 9.56 9.45
N ALA B 39 -17.85 10.71 9.98
CA ALA B 39 -18.07 11.89 9.15
C ALA B 39 -17.96 13.12 10.02
N GLY B 40 -17.65 14.26 9.41
CA GLY B 40 -17.67 15.50 10.17
C GLY B 40 -17.37 16.70 9.29
N THR B 41 -17.57 17.88 9.87
CA THR B 41 -17.10 19.09 9.19
C THR B 41 -15.59 19.12 9.21
N VAL B 42 -15.00 19.93 8.32
CA VAL B 42 -13.55 20.04 8.30
C VAL B 42 -13.03 20.59 9.63
N ILE B 43 -13.78 21.52 10.25
CA ILE B 43 -13.38 22.05 11.55
C ILE B 43 -13.31 20.94 12.59
N LYS B 44 -14.32 20.05 12.61
CA LYS B 44 -14.31 18.96 13.58
C LYS B 44 -13.22 17.94 13.27
N LEU B 45 -12.95 17.69 11.99
CA LEU B 45 -11.86 16.78 11.66
C LEU B 45 -10.53 17.33 12.15
N ILE B 46 -10.31 18.64 12.00
CA ILE B 46 -9.03 19.20 12.42
C ILE B 46 -8.93 19.25 13.94
N GLU B 47 -10.05 19.51 14.63
CA GLU B 47 -10.07 19.42 16.09
C GLU B 47 -9.63 18.04 16.56
N ARG B 48 -10.20 16.99 15.96
CA ARG B 48 -9.87 15.65 16.42
C ARG B 48 -8.50 15.20 15.94
N LEU B 49 -8.01 15.79 14.85
CA LEU B 49 -6.65 15.57 14.37
C LEU B 49 -5.61 16.04 15.38
N THR B 50 -5.99 16.99 16.22
CA THR B 50 -5.08 17.67 17.12
C THR B 50 -5.69 17.73 18.51
N TYR B 51 -6.29 16.62 18.93
CA TYR B 51 -7.17 16.62 20.10
C TYR B 51 -6.38 16.70 21.39
N HIS B 52 -6.93 17.41 22.38
CA HIS B 52 -6.16 17.60 23.61
C HIS B 52 -6.07 16.34 24.47
N MET B 53 -7.01 15.38 24.31
CA MET B 53 -7.07 14.24 25.22
CA MET B 53 -7.05 14.24 25.22
C MET B 53 -6.19 13.07 24.77
N TYR B 54 -5.89 12.96 23.48
CA TYR B 54 -5.11 11.82 23.01
C TYR B 54 -4.46 12.16 21.68
N ALA B 55 -3.38 11.43 21.38
CA ALA B 55 -2.77 11.45 20.06
C ALA B 55 -3.38 10.34 19.20
N ASP B 56 -3.37 10.56 17.90
CA ASP B 56 -3.94 9.59 16.96
C ASP B 56 -3.04 9.58 15.73
N PRO B 57 -1.85 8.97 15.85
CA PRO B 57 -0.89 9.03 14.73
C PRO B 57 -1.43 8.37 13.46
N ASN B 58 -2.24 7.33 13.59
CA ASN B 58 -2.86 6.76 12.41
CA ASN B 58 -2.87 6.75 12.41
C ASN B 58 -3.80 7.75 11.73
N PHE B 59 -4.57 8.50 12.53
CA PHE B 59 -5.44 9.53 11.98
C PHE B 59 -4.62 10.60 11.27
N VAL B 60 -3.47 10.98 11.83
CA VAL B 60 -2.65 11.99 11.18
C VAL B 60 -2.22 11.50 9.80
N ARG B 61 -1.78 10.24 9.72
CA ARG B 61 -1.39 9.71 8.41
C ARG B 61 -2.58 9.65 7.46
N THR B 62 -3.72 9.13 7.94
N THR B 62 -3.74 9.19 7.94
CA THR B 62 -4.92 9.04 7.11
CA THR B 62 -4.87 9.04 7.03
C THR B 62 -5.31 10.42 6.58
C THR B 62 -5.41 10.39 6.59
N PHE B 63 -5.39 11.39 7.48
CA PHE B 63 -5.80 12.74 7.10
C PHE B 63 -4.82 13.34 6.09
N LEU B 64 -3.52 13.29 6.39
CA LEU B 64 -2.55 13.94 5.50
C LEU B 64 -2.46 13.22 4.15
N THR B 65 -2.80 11.94 4.11
CA THR B 65 -2.79 11.22 2.84
C THR B 65 -3.99 11.61 1.97
N THR B 66 -5.15 11.89 2.57
CA THR B 66 -6.40 11.95 1.82
C THR B 66 -7.10 13.30 1.81
N TYR B 67 -6.59 14.32 2.54
CA TYR B 67 -7.42 15.51 2.79
C TYR B 67 -7.68 16.33 1.53
N ARG B 68 -6.89 16.16 0.48
CA ARG B 68 -7.04 17.08 -0.65
C ARG B 68 -8.34 16.86 -1.41
N SER B 69 -9.03 15.75 -1.16
CA SER B 69 -10.35 15.51 -1.75
C SER B 69 -11.43 16.35 -1.08
N PHE B 70 -11.13 17.01 0.05
CA PHE B 70 -12.12 17.85 0.69
C PHE B 70 -11.59 19.19 1.20
N CYS B 71 -10.28 19.45 1.14
CA CYS B 71 -9.73 20.70 1.63
C CYS B 71 -8.47 21.03 0.85
N LYS B 72 -8.32 22.29 0.40
CA LYS B 72 -7.10 22.61 -0.33
C LYS B 72 -5.91 22.75 0.61
N PRO B 73 -4.68 22.45 0.14
CA PRO B 73 -3.50 22.63 1.00
C PRO B 73 -3.40 24.01 1.65
N GLN B 74 -3.65 25.09 0.90
CA GLN B 74 -3.59 26.42 1.48
C GLN B 74 -4.61 26.59 2.60
N GLU B 75 -5.79 26.00 2.41
CA GLU B 75 -6.82 26.14 3.44
C GLU B 75 -6.50 25.30 4.66
N LEU B 76 -5.91 24.11 4.46
CA LEU B 76 -5.50 23.29 5.61
C LEU B 76 -4.51 24.06 6.48
N LEU B 77 -3.50 24.68 5.86
CA LEU B 77 -2.53 25.42 6.67
C LEU B 77 -3.20 26.55 7.43
N SER B 78 -4.11 27.29 6.79
CA SER B 78 -4.82 28.34 7.52
C SER B 78 -5.58 27.79 8.71
N LEU B 79 -6.21 26.63 8.54
CA LEU B 79 -7.01 26.06 9.63
C LEU B 79 -6.12 25.55 10.76
N ILE B 80 -4.96 24.97 10.46
CA ILE B 80 -4.17 24.50 11.60
C ILE B 80 -3.49 25.66 12.30
N ILE B 81 -3.17 26.74 11.58
CA ILE B 81 -2.68 27.94 12.27
C ILE B 81 -3.76 28.52 13.17
N GLU B 82 -5.00 28.57 12.67
CA GLU B 82 -6.12 28.99 13.52
C GLU B 82 -6.28 28.08 14.73
N ARG B 83 -6.12 26.76 14.54
CA ARG B 83 -6.19 25.82 15.66
C ARG B 83 -5.11 26.13 16.69
N PHE B 84 -3.92 26.50 16.23
CA PHE B 84 -2.77 26.71 17.11
C PHE B 84 -2.96 27.91 18.02
N GLU B 85 -3.69 28.92 17.57
CA GLU B 85 -3.73 30.22 18.26
C GLU B 85 -4.89 30.22 19.26
N ILE B 86 -4.63 29.62 20.41
CA ILE B 86 -5.65 29.35 21.42
C ILE B 86 -5.62 30.49 22.46
N PRO B 87 -6.75 31.11 22.73
CA PRO B 87 -6.75 32.19 23.74
C PRO B 87 -6.65 31.61 25.14
N GLU B 88 -5.92 32.37 26.03
CA GLU B 88 -5.83 31.93 27.43
C GLU B 88 -6.99 32.51 28.22
N PRO B 89 -7.47 31.80 29.24
CA PRO B 89 -8.59 32.33 30.03
C PRO B 89 -8.17 33.48 30.92
N GLU B 90 -9.16 34.30 31.30
CA GLU B 90 -8.95 35.42 32.20
C GLU B 90 -8.78 34.94 33.64
N PRO B 91 -8.21 35.78 34.52
CA PRO B 91 -8.09 35.38 35.93
C PRO B 91 -9.45 35.08 36.54
N THR B 92 -9.48 34.08 37.42
CA THR B 92 -10.69 33.69 38.12
C THR B 92 -10.91 34.58 39.34
N GLU B 93 -12.06 34.37 40.00
CA GLU B 93 -12.40 35.17 41.17
C GLU B 93 -11.34 35.04 42.26
N ALA B 94 -10.85 33.82 42.52
CA ALA B 94 -9.80 33.64 43.53
C ALA B 94 -8.53 34.39 43.13
N ASP B 95 -8.18 34.37 41.83
CA ASP B 95 -7.01 35.12 41.38
C ASP B 95 -7.21 36.62 41.56
N ARG B 96 -8.40 37.10 41.24
CA ARG B 96 -8.72 38.51 41.39
C ARG B 96 -8.56 38.97 42.83
N ILE B 97 -9.09 38.18 43.77
CA ILE B 97 -9.00 38.54 45.18
C ILE B 97 -7.55 38.55 45.65
N ALA B 98 -6.74 37.60 45.19
CA ALA B 98 -5.32 37.60 45.54
C ALA B 98 -4.64 38.87 45.03
N ILE B 99 -4.89 39.21 43.76
CA ILE B 99 -4.25 40.38 43.16
C ILE B 99 -4.68 41.66 43.87
N GLU B 100 -5.94 41.72 44.30
CA GLU B 100 -6.42 42.92 44.99
C GLU B 100 -5.75 43.10 46.34
N ASN B 101 -5.20 42.03 46.92
CA ASN B 101 -4.48 42.09 48.18
C ASN B 101 -2.98 42.18 47.98
N GLY B 102 -2.51 42.39 46.75
CA GLY B 102 -1.09 42.49 46.48
C GLY B 102 -0.35 41.17 46.47
N ASP B 103 -1.06 40.05 46.45
CA ASP B 103 -0.44 38.73 46.47
C ASP B 103 -0.37 38.15 45.06
N GLN B 104 0.49 37.16 44.90
CA GLN B 104 0.56 36.45 43.63
C GLN B 104 -0.61 35.48 43.52
N PRO B 105 -1.37 35.50 42.43
CA PRO B 105 -2.47 34.54 42.29
C PRO B 105 -1.93 33.14 42.06
N LEU B 106 -2.73 32.15 42.48
CA LEU B 106 -2.36 30.76 42.23
C LEU B 106 -2.52 30.40 40.76
N SER B 107 -3.46 31.04 40.09
CA SER B 107 -3.74 30.82 38.66
C SER B 107 -3.91 29.34 38.34
N ALA B 108 -4.62 28.62 39.22
CA ALA B 108 -4.73 27.17 39.07
C ALA B 108 -5.41 26.80 37.76
N GLU B 109 -6.53 27.47 37.44
CA GLU B 109 -7.27 27.12 36.23
C GLU B 109 -6.46 27.46 34.98
N LEU B 110 -5.76 28.59 35.00
CA LEU B 110 -4.92 28.98 33.87
C LEU B 110 -3.79 27.99 33.66
N LYS B 111 -3.10 27.61 34.74
CA LYS B 111 -2.00 26.66 34.61
C LYS B 111 -2.49 25.31 34.12
N ARG B 112 -3.66 24.88 34.57
CA ARG B 112 -4.20 23.60 34.09
C ARG B 112 -4.56 23.70 32.62
N PHE B 113 -5.18 24.81 32.20
CA PHE B 113 -5.56 24.94 30.79
C PHE B 113 -4.32 24.96 29.89
N ARG B 114 -3.25 25.65 30.31
CA ARG B 114 -2.00 25.61 29.55
C ARG B 114 -1.46 24.19 29.44
N LYS B 115 -1.44 23.47 30.56
CA LYS B 115 -0.77 22.17 30.61
C LYS B 115 -1.59 21.09 29.93
N GLU B 116 -2.91 21.15 30.02
CA GLU B 116 -3.77 20.06 29.58
C GLU B 116 -4.56 20.37 28.32
N TYR B 117 -4.63 21.63 27.90
CA TYR B 117 -5.27 21.97 26.61
C TYR B 117 -4.30 22.61 25.64
N ILE B 118 -3.71 23.77 25.98
CA ILE B 118 -2.93 24.52 25.00
C ILE B 118 -1.70 23.73 24.58
N GLN B 119 -0.91 23.26 25.55
CA GLN B 119 0.35 22.62 25.15
C GLN B 119 0.13 21.33 24.36
N PRO B 120 -0.81 20.45 24.75
CA PRO B 120 -1.05 19.27 23.89
C PRO B 120 -1.58 19.62 22.50
N VAL B 121 -2.55 20.54 22.40
CA VAL B 121 -3.08 20.89 21.09
C VAL B 121 -2.00 21.51 20.22
N GLN B 122 -1.22 22.42 20.78
CA GLN B 122 -0.17 23.08 19.99
C GLN B 122 0.88 22.08 19.56
N LEU B 123 1.27 21.18 20.47
CA LEU B 123 2.26 20.17 20.09
C LEU B 123 1.69 19.25 19.00
N ARG B 124 0.41 18.94 19.09
CA ARG B 124 -0.18 18.07 18.06
C ARG B 124 -0.37 18.80 16.75
N VAL B 125 -0.59 20.12 16.77
CA VAL B 125 -0.54 20.90 15.53
C VAL B 125 0.86 20.80 14.93
N LEU B 126 1.90 20.96 15.76
CA LEU B 126 3.25 20.86 15.22
C LEU B 126 3.54 19.47 14.71
N ASN B 127 2.95 18.43 15.31
CA ASN B 127 3.16 17.08 14.80
C ASN B 127 2.51 16.92 13.42
N VAL B 128 1.36 17.57 13.20
CA VAL B 128 0.77 17.56 11.86
C VAL B 128 1.72 18.24 10.88
N CYS B 129 2.28 19.40 11.26
CA CYS B 129 3.23 20.08 10.39
C CYS B 129 4.45 19.20 10.10
N ARG B 130 4.96 18.56 11.13
CA ARG B 130 6.15 17.72 10.97
C ARG B 130 5.87 16.55 10.03
N HIS B 131 4.75 15.85 10.22
CA HIS B 131 4.39 14.75 9.31
C HIS B 131 4.12 15.27 7.91
N TRP B 132 3.49 16.44 7.80
CA TRP B 132 3.18 17.01 6.48
C TRP B 132 4.47 17.24 5.69
N VAL B 133 5.46 17.88 6.34
CA VAL B 133 6.72 18.17 5.68
C VAL B 133 7.51 16.89 5.42
N GLU B 134 7.53 15.96 6.37
CA GLU B 134 8.40 14.79 6.21
C GLU B 134 7.85 13.79 5.20
N HIS B 135 6.54 13.58 5.19
CA HIS B 135 5.97 12.48 4.44
C HIS B 135 5.02 12.90 3.34
N HIS B 136 4.67 14.19 3.24
CA HIS B 136 3.77 14.67 2.20
C HIS B 136 4.30 15.96 1.61
N PHE B 137 5.63 16.03 1.43
CA PHE B 137 6.29 17.25 1.02
C PHE B 137 5.90 17.69 -0.38
N TYR B 138 5.30 16.81 -1.18
CA TYR B 138 4.91 17.20 -2.53
C TYR B 138 3.97 18.40 -2.55
N ASP B 139 3.16 18.61 -1.50
CA ASP B 139 2.33 19.83 -1.50
C ASP B 139 3.19 21.07 -1.59
N PHE B 140 4.35 21.06 -0.93
CA PHE B 140 5.24 22.21 -0.91
C PHE B 140 6.11 22.28 -2.15
N GLU B 141 6.47 21.12 -2.73
CA GLU B 141 7.19 21.14 -3.99
C GLU B 141 6.34 21.73 -5.10
N ARG B 142 5.03 21.53 -5.04
CA ARG B 142 4.13 21.98 -6.10
C ARG B 142 3.60 23.38 -5.86
N ASP B 143 3.79 23.93 -4.67
CA ASP B 143 3.26 25.26 -4.33
C ASP B 143 4.30 25.96 -3.45
N ALA B 144 5.17 26.75 -4.08
CA ALA B 144 6.25 27.42 -3.35
C ALA B 144 5.71 28.39 -2.31
N TYR B 145 4.56 29.01 -2.57
CA TYR B 145 4.00 29.94 -1.60
C TYR B 145 3.48 29.22 -0.36
N LEU B 146 2.93 28.02 -0.54
CA LEU B 146 2.56 27.21 0.62
C LEU B 146 3.77 26.95 1.50
N LEU B 147 4.92 26.65 0.89
CA LEU B 147 6.13 26.41 1.66
C LEU B 147 6.58 27.67 2.40
N GLN B 148 6.53 28.82 1.75
CA GLN B 148 6.85 30.07 2.42
C GLN B 148 5.96 30.27 3.64
N ARG B 149 4.65 30.04 3.50
CA ARG B 149 3.74 30.21 4.63
C ARG B 149 4.09 29.27 5.78
N MET B 150 4.41 28.01 5.46
CA MET B 150 4.78 27.07 6.51
C MET B 150 6.06 27.50 7.21
N GLU B 151 7.07 27.91 6.44
CA GLU B 151 8.32 28.37 7.04
C GLU B 151 8.10 29.55 7.96
N GLU B 152 7.23 30.49 7.55
N GLU B 152 7.25 30.50 7.55
CA GLU B 152 6.98 31.69 8.34
CA GLU B 152 6.99 31.67 8.39
C GLU B 152 6.16 31.38 9.59
C GLU B 152 6.23 31.28 9.65
N PHE B 153 5.23 30.41 9.51
CA PHE B 153 4.48 30.01 10.70
C PHE B 153 5.41 29.34 11.71
N ILE B 154 6.16 28.34 11.28
CA ILE B 154 7.04 27.63 12.20
C ILE B 154 8.10 28.57 12.75
N GLY B 155 8.67 29.40 11.89
CA GLY B 155 9.76 30.28 12.28
C GLY B 155 9.36 31.42 13.18
N THR B 156 8.06 31.65 13.40
CA THR B 156 7.62 32.71 14.29
C THR B 156 6.84 32.20 15.51
N VAL B 157 6.83 30.90 15.79
CA VAL B 157 6.26 30.41 17.03
C VAL B 157 7.18 30.79 18.18
N ARG B 158 6.63 31.47 19.19
CA ARG B 158 7.39 31.94 20.34
C ARG B 158 7.17 31.03 21.54
N GLY B 159 8.00 31.22 22.56
CA GLY B 159 7.72 30.55 23.81
C GLY B 159 8.46 29.24 23.95
N LYS B 160 8.89 28.95 25.19
CA LYS B 160 9.89 27.92 25.39
C LYS B 160 9.31 26.51 25.28
N ALA B 161 8.02 26.33 25.52
CA ALA B 161 7.49 24.96 25.57
C ALA B 161 7.61 24.28 24.22
N MET B 162 7.42 25.01 23.13
CA MET B 162 7.47 24.46 21.77
C MET B 162 8.85 24.59 21.12
N LYS B 163 9.80 25.25 21.79
CA LYS B 163 11.03 25.70 21.14
C LYS B 163 11.81 24.56 20.49
N LYS B 164 11.97 23.42 21.19
CA LYS B 164 12.76 22.34 20.63
C LYS B 164 12.18 21.83 19.32
N TRP B 165 10.85 21.72 19.26
CA TRP B 165 10.24 21.18 18.06
C TRP B 165 10.17 22.22 16.94
N VAL B 166 10.00 23.49 17.28
CA VAL B 166 10.02 24.56 16.28
C VAL B 166 11.39 24.63 15.60
N GLU B 167 12.45 24.59 16.39
CA GLU B 167 13.78 24.66 15.81
C GLU B 167 14.09 23.41 14.99
N SER B 168 13.62 22.26 15.45
CA SER B 168 13.80 21.02 14.69
C SER B 168 13.05 21.06 13.37
N ILE B 169 11.77 21.47 13.40
CA ILE B 169 10.98 21.46 12.17
C ILE B 169 11.54 22.45 11.15
N THR B 170 12.07 23.58 11.63
CA THR B 170 12.74 24.53 10.72
C THR B 170 13.89 23.84 9.99
N LYS B 171 14.71 23.09 10.72
CA LYS B 171 15.83 22.39 10.08
C LYS B 171 15.35 21.30 9.14
N ILE B 172 14.31 20.57 9.52
CA ILE B 172 13.79 19.50 8.66
C ILE B 172 13.31 20.08 7.33
N ILE B 173 12.59 21.21 7.39
CA ILE B 173 12.13 21.86 6.16
C ILE B 173 13.31 22.23 5.28
N GLN B 174 14.35 22.82 5.87
CA GLN B 174 15.49 23.24 5.06
C GLN B 174 16.18 22.02 4.43
N ARG B 175 16.27 20.92 5.19
N ARG B 175 16.25 20.90 5.15
CA ARG B 175 16.82 19.68 4.63
CA ARG B 175 16.86 19.70 4.58
C ARG B 175 15.99 19.16 3.47
C ARG B 175 15.99 19.11 3.48
N LYS B 176 14.65 19.13 3.66
CA LYS B 176 13.77 18.61 2.62
C LYS B 176 13.87 19.43 1.33
N LYS B 177 14.22 20.71 1.44
CA LYS B 177 14.30 21.56 0.26
C LYS B 177 15.46 21.17 -0.65
N ILE B 178 16.57 20.72 -0.10
CA ILE B 178 17.75 20.38 -0.92
C ILE B 178 17.91 18.88 -1.11
N ALA B 179 16.94 18.09 -0.67
CA ALA B 179 17.04 16.64 -0.80
C ALA B 179 16.41 16.16 -2.11
N ASN B 187 20.86 4.67 2.70
CA ASN B 187 21.97 3.95 3.33
C ASN B 187 21.43 2.80 4.20
N ILE B 188 21.77 1.57 3.82
CA ILE B 188 21.14 0.37 4.36
C ILE B 188 22.19 -0.48 5.07
N THR B 189 21.84 -1.02 6.24
CA THR B 189 22.72 -1.92 6.96
C THR B 189 22.04 -3.28 7.17
N PHE B 190 22.76 -4.35 6.86
CA PHE B 190 22.38 -5.71 7.18
C PHE B 190 23.45 -6.31 8.08
N GLN B 191 23.05 -7.30 8.87
CA GLN B 191 24.08 -8.05 9.60
C GLN B 191 24.70 -9.15 8.75
N SER B 192 23.93 -9.75 7.85
CA SER B 192 24.43 -10.79 6.96
C SER B 192 24.92 -10.18 5.65
N SER B 193 25.88 -10.86 5.02
CA SER B 193 26.30 -10.49 3.69
C SER B 193 25.33 -11.05 2.65
N PRO B 194 25.12 -10.32 1.55
CA PRO B 194 24.32 -10.88 0.45
C PRO B 194 25.03 -12.05 -0.17
N PRO B 195 24.29 -12.97 -0.79
CA PRO B 195 24.93 -14.13 -1.43
C PRO B 195 25.75 -13.71 -2.65
N THR B 196 26.65 -14.61 -3.04
CA THR B 196 27.52 -14.34 -4.18
C THR B 196 26.72 -14.34 -5.47
N VAL B 197 27.04 -13.39 -6.35
CA VAL B 197 26.38 -13.32 -7.66
C VAL B 197 26.71 -14.57 -8.46
N GLU B 198 25.71 -15.16 -9.11
CA GLU B 198 25.88 -16.40 -9.85
C GLU B 198 25.95 -16.14 -11.35
N TRP B 199 26.84 -16.87 -12.02
CA TRP B 199 27.05 -16.74 -13.46
C TRP B 199 26.95 -18.10 -14.12
N HIS B 200 26.52 -18.09 -15.39
CA HIS B 200 26.27 -19.30 -16.16
C HIS B 200 27.09 -19.18 -17.45
N ILE B 201 26.44 -19.17 -18.62
CA ILE B 201 27.20 -19.12 -19.88
C ILE B 201 27.78 -17.72 -20.09
N SER B 202 26.97 -16.67 -19.94
CA SER B 202 27.49 -15.32 -20.01
C SER B 202 28.40 -15.06 -18.82
N ARG B 203 29.57 -14.49 -19.08
CA ARG B 203 30.49 -14.19 -17.99
C ARG B 203 30.48 -12.69 -17.68
N PRO B 204 30.99 -12.30 -16.51
CA PRO B 204 30.95 -10.89 -16.12
C PRO B 204 31.55 -9.98 -17.19
N GLY B 205 30.86 -8.88 -17.48
CA GLY B 205 31.31 -7.92 -18.46
C GLY B 205 30.93 -8.21 -19.89
N HIS B 206 30.36 -9.37 -20.19
CA HIS B 206 30.05 -9.75 -21.57
C HIS B 206 28.57 -9.56 -21.86
N ILE B 207 28.15 -8.30 -21.75
CA ILE B 207 26.74 -7.95 -21.81
C ILE B 207 26.13 -8.29 -23.16
N GLU B 208 26.95 -8.36 -24.22
CA GLU B 208 26.42 -8.66 -25.55
C GLU B 208 25.89 -10.09 -25.66
N THR B 209 26.31 -10.98 -24.76
CA THR B 209 25.81 -12.37 -24.78
C THR B 209 24.65 -12.60 -23.83
N PHE B 210 24.29 -11.60 -23.00
CA PHE B 210 23.21 -11.77 -22.02
C PHE B 210 21.91 -12.13 -22.73
N ASP B 211 21.21 -13.14 -22.19
CA ASP B 211 19.93 -13.57 -22.72
C ASP B 211 19.26 -14.46 -21.68
N LEU B 212 18.03 -14.86 -21.98
CA LEU B 212 17.25 -15.69 -21.07
C LEU B 212 17.99 -16.95 -20.65
N LEU B 213 18.63 -17.64 -21.60
CA LEU B 213 19.26 -18.92 -21.30
C LEU B 213 20.73 -18.81 -20.93
N THR B 214 21.37 -17.67 -21.18
CA THR B 214 22.80 -17.55 -20.92
C THR B 214 23.13 -16.91 -19.58
N LEU B 215 22.27 -16.04 -19.06
CA LEU B 215 22.41 -15.63 -17.68
C LEU B 215 21.99 -16.77 -16.75
N HIS B 216 22.47 -16.73 -15.51
CA HIS B 216 22.07 -17.75 -14.56
C HIS B 216 20.64 -17.51 -14.12
N PRO B 217 19.77 -18.53 -14.12
CA PRO B 217 18.37 -18.27 -13.75
C PRO B 217 18.22 -17.74 -12.33
N ILE B 218 19.08 -18.17 -11.39
CA ILE B 218 19.03 -17.59 -10.06
C ILE B 218 19.27 -16.09 -10.13
N GLU B 219 20.26 -15.67 -10.93
CA GLU B 219 20.65 -14.27 -10.95
C GLU B 219 19.65 -13.44 -11.76
N ILE B 220 19.03 -14.03 -12.79
CA ILE B 220 17.92 -13.35 -13.44
C ILE B 220 16.84 -13.00 -12.42
N ALA B 221 16.44 -13.99 -11.61
CA ALA B 221 15.38 -13.72 -10.64
C ALA B 221 15.83 -12.73 -9.58
N ARG B 222 17.08 -12.81 -9.13
CA ARG B 222 17.56 -11.85 -8.11
C ARG B 222 17.57 -10.43 -8.65
N GLN B 223 18.11 -10.24 -9.85
CA GLN B 223 18.26 -8.88 -10.37
C GLN B 223 16.91 -8.29 -10.75
N LEU B 224 16.00 -9.12 -11.30
CA LEU B 224 14.64 -8.64 -11.54
C LEU B 224 13.94 -8.31 -10.23
N THR B 225 14.23 -9.07 -9.18
CA THR B 225 13.61 -8.77 -7.88
C THR B 225 14.12 -7.45 -7.31
N LEU B 226 15.43 -7.19 -7.40
CA LEU B 226 15.95 -5.89 -6.97
C LEU B 226 15.30 -4.76 -7.78
N LEU B 227 15.22 -4.93 -9.10
CA LEU B 227 14.61 -3.92 -9.95
CA LEU B 227 14.61 -3.92 -9.95
C LEU B 227 13.15 -3.69 -9.59
N GLU B 228 12.39 -4.78 -9.45
CA GLU B 228 10.96 -4.68 -9.18
C GLU B 228 10.69 -4.20 -7.77
N SER B 229 11.55 -4.55 -6.81
CA SER B 229 11.45 -3.99 -5.46
C SER B 229 11.67 -2.49 -5.47
N ASP B 230 12.73 -2.02 -6.14
CA ASP B 230 12.95 -0.58 -6.25
C ASP B 230 11.76 0.12 -6.90
N LEU B 231 11.19 -0.45 -7.97
CA LEU B 231 10.03 0.16 -8.60
C LEU B 231 8.84 0.19 -7.66
N TYR B 232 8.63 -0.90 -6.92
CA TYR B 232 7.53 -0.95 -5.94
C TYR B 232 7.72 0.11 -4.85
N ARG B 233 8.93 0.23 -4.33
CA ARG B 233 9.21 1.13 -3.21
C ARG B 233 9.12 2.60 -3.61
N ALA B 234 9.19 2.91 -4.90
CA ALA B 234 9.19 4.31 -5.33
C ALA B 234 7.79 4.91 -5.45
N VAL B 235 6.73 4.10 -5.38
CA VAL B 235 5.37 4.61 -5.60
C VAL B 235 4.89 5.30 -4.35
N GLN B 236 4.52 6.59 -4.47
CA GLN B 236 4.03 7.37 -3.34
C GLN B 236 2.52 7.42 -3.33
N PRO B 237 1.89 7.66 -2.16
CA PRO B 237 0.43 7.74 -2.12
C PRO B 237 -0.14 8.84 -3.00
N SER B 238 0.62 9.90 -3.26
CA SER B 238 0.14 10.97 -4.13
C SER B 238 -0.18 10.47 -5.54
N GLU B 239 0.41 9.36 -5.94
N GLU B 239 0.40 9.35 -5.94
CA GLU B 239 0.14 8.77 -7.24
CA GLU B 239 0.12 8.77 -7.25
C GLU B 239 -1.12 7.91 -7.25
C GLU B 239 -1.16 7.95 -7.27
N LEU B 240 -1.78 7.73 -6.11
CA LEU B 240 -2.89 6.82 -5.94
C LEU B 240 -4.17 7.51 -5.50
N VAL B 241 -4.09 8.43 -4.54
CA VAL B 241 -5.33 9.01 -4.04
C VAL B 241 -6.00 9.81 -5.17
N GLY B 242 -7.33 9.79 -5.17
CA GLY B 242 -8.06 10.45 -6.24
C GLY B 242 -8.10 9.65 -7.53
N SER B 243 -7.62 8.41 -7.51
CA SER B 243 -7.57 7.52 -8.68
C SER B 243 -6.84 8.16 -9.85
N VAL B 244 -5.82 8.96 -9.56
CA VAL B 244 -5.24 9.83 -10.58
C VAL B 244 -4.48 9.05 -11.63
N TRP B 245 -4.09 7.79 -11.35
CA TRP B 245 -3.38 6.99 -12.36
C TRP B 245 -4.31 6.52 -13.47
N THR B 246 -5.63 6.72 -13.33
CA THR B 246 -6.59 6.36 -14.35
C THR B 246 -7.06 7.55 -15.17
N LYS B 247 -6.68 8.77 -14.78
CA LYS B 247 -7.25 9.99 -15.35
C LYS B 247 -6.34 10.53 -16.45
N GLU B 248 -6.81 11.62 -17.08
CA GLU B 248 -6.12 12.13 -18.27
C GLU B 248 -4.68 12.55 -17.98
N ASP B 249 -4.41 13.05 -16.78
CA ASP B 249 -3.07 13.49 -16.41
C ASP B 249 -2.24 12.42 -15.71
N LYS B 250 -2.55 11.14 -15.95
CA LYS B 250 -1.86 10.06 -15.24
C LYS B 250 -0.34 10.11 -15.42
N GLU B 251 0.15 10.53 -16.59
CA GLU B 251 1.60 10.51 -16.76
C GLU B 251 2.27 11.56 -15.90
N ILE B 252 1.54 12.64 -15.60
CA ILE B 252 2.07 13.69 -14.73
C ILE B 252 1.97 13.27 -13.28
N ASN B 253 0.84 12.68 -12.88
CA ASN B 253 0.55 12.47 -11.47
C ASN B 253 1.01 11.12 -10.95
N SER B 254 1.18 10.11 -11.82
CA SER B 254 1.50 8.76 -11.36
C SER B 254 2.70 8.15 -12.10
N PRO B 255 3.80 8.90 -12.28
CA PRO B 255 4.89 8.38 -13.12
C PRO B 255 5.61 7.17 -12.55
N ASN B 256 5.81 7.10 -11.23
CA ASN B 256 6.51 5.92 -10.70
C ASN B 256 5.62 4.69 -10.77
N LEU B 257 4.32 4.83 -10.49
CA LEU B 257 3.43 3.70 -10.66
C LEU B 257 3.42 3.22 -12.09
N LEU B 258 3.29 4.14 -13.05
CA LEU B 258 3.25 3.71 -14.45
C LEU B 258 4.56 3.06 -14.89
N LYS B 259 5.71 3.57 -14.42
N LYS B 259 5.71 3.57 -14.42
CA LYS B 259 6.98 2.92 -14.74
CA LYS B 259 6.97 2.92 -14.76
C LYS B 259 7.01 1.50 -14.21
C LYS B 259 7.01 1.50 -14.21
N MET B 260 6.47 1.30 -13.01
CA MET B 260 6.44 -0.04 -12.42
CA MET B 260 6.45 -0.04 -12.43
C MET B 260 5.57 -0.99 -13.25
N ILE B 261 4.37 -0.54 -13.61
CA ILE B 261 3.47 -1.38 -14.40
C ILE B 261 4.07 -1.66 -15.77
N ARG B 262 4.68 -0.65 -16.40
CA ARG B 262 5.23 -0.88 -17.73
C ARG B 262 6.41 -1.84 -17.70
N HIS B 263 7.21 -1.82 -16.64
CA HIS B 263 8.23 -2.85 -16.49
C HIS B 263 7.61 -4.24 -16.45
N THR B 264 6.59 -4.41 -15.61
CA THR B 264 5.91 -5.70 -15.49
C THR B 264 5.37 -6.16 -16.84
N THR B 265 4.74 -5.25 -17.58
CA THR B 265 4.18 -5.60 -18.88
C THR B 265 5.29 -6.00 -19.83
N ASN B 266 6.38 -5.25 -19.84
CA ASN B 266 7.48 -5.54 -20.76
C ASN B 266 8.13 -6.88 -20.46
N LEU B 267 8.30 -7.22 -19.19
CA LEU B 267 8.88 -8.52 -18.86
C LEU B 267 7.95 -9.66 -19.26
N THR B 268 6.64 -9.49 -19.03
CA THR B 268 5.70 -10.52 -19.45
C THR B 268 5.78 -10.75 -20.95
N LEU B 269 5.78 -9.65 -21.73
CA LEU B 269 5.88 -9.78 -23.18
C LEU B 269 7.21 -10.35 -23.62
N TRP B 270 8.30 -10.05 -22.89
CA TRP B 270 9.59 -10.65 -23.23
C TRP B 270 9.57 -12.16 -23.03
N PHE B 271 8.96 -12.63 -21.94
CA PHE B 271 8.82 -14.07 -21.74
C PHE B 271 8.05 -14.70 -22.89
N GLU B 272 6.92 -14.09 -23.27
CA GLU B 272 6.12 -14.63 -24.38
C GLU B 272 6.93 -14.64 -25.67
N LYS B 273 7.68 -13.57 -25.93
CA LYS B 273 8.48 -13.48 -27.14
C LYS B 273 9.59 -14.53 -27.16
N CYS B 274 10.27 -14.72 -26.02
CA CYS B 274 11.31 -15.76 -25.95
C CYS B 274 10.73 -17.13 -26.28
N ILE B 275 9.50 -17.39 -25.85
CA ILE B 275 8.88 -18.70 -26.07
C ILE B 275 8.51 -18.87 -27.54
N VAL B 276 7.70 -17.96 -28.09
CA VAL B 276 7.16 -18.21 -29.43
C VAL B 276 8.17 -17.97 -30.54
N GLU B 277 9.25 -17.22 -30.28
CA GLU B 277 10.29 -17.08 -31.29
C GLU B 277 11.29 -18.23 -31.26
N THR B 278 11.12 -19.17 -30.34
CA THR B 278 11.94 -20.39 -30.31
C THR B 278 11.11 -21.45 -31.02
N GLU B 279 11.37 -21.60 -32.32
CA GLU B 279 10.49 -22.44 -33.14
C GLU B 279 10.75 -23.93 -32.97
N ASN B 280 11.99 -24.33 -32.68
CA ASN B 280 12.28 -25.73 -32.44
C ASN B 280 11.63 -26.19 -31.13
N LEU B 281 10.89 -27.30 -31.18
CA LEU B 281 10.12 -27.74 -30.01
C LEU B 281 11.02 -28.04 -28.81
N GLU B 282 12.09 -28.81 -29.03
CA GLU B 282 12.99 -29.13 -27.93
C GLU B 282 13.59 -27.88 -27.30
N GLU B 283 14.01 -26.92 -28.13
CA GLU B 283 14.56 -25.68 -27.58
C GLU B 283 13.48 -24.90 -26.83
N ARG B 284 12.25 -24.90 -27.35
CA ARG B 284 11.20 -24.13 -26.69
C ARG B 284 10.83 -24.73 -25.34
N VAL B 285 10.87 -26.05 -25.23
CA VAL B 285 10.69 -26.69 -23.93
C VAL B 285 11.76 -26.22 -22.95
N ALA B 286 13.02 -26.12 -23.40
CA ALA B 286 14.08 -25.62 -22.53
C ALA B 286 13.82 -24.18 -22.11
N VAL B 287 13.30 -23.37 -23.03
CA VAL B 287 12.98 -21.97 -22.71
C VAL B 287 11.89 -21.90 -21.64
N VAL B 288 10.80 -22.65 -21.83
CA VAL B 288 9.70 -22.61 -20.85
C VAL B 288 10.16 -23.17 -19.51
N SER B 289 10.91 -24.27 -19.54
N SER B 289 10.91 -24.27 -19.54
CA SER B 289 11.45 -24.84 -18.31
CA SER B 289 11.44 -24.84 -18.29
C SER B 289 12.31 -23.83 -17.55
C SER B 289 12.30 -23.82 -17.54
N ARG B 290 13.11 -23.04 -18.28
CA ARG B 290 13.93 -22.03 -17.61
C ARG B 290 13.07 -20.93 -17.00
N ILE B 291 11.99 -20.54 -17.69
CA ILE B 291 11.10 -19.51 -17.16
C ILE B 291 10.42 -20.01 -15.89
N ILE B 292 10.04 -21.29 -15.84
CA ILE B 292 9.42 -21.82 -14.63
C ILE B 292 10.43 -21.92 -13.49
N GLU B 293 11.72 -22.18 -13.81
CA GLU B 293 12.75 -22.10 -12.77
C GLU B 293 12.88 -20.68 -12.22
N ILE B 294 12.83 -19.68 -13.10
CA ILE B 294 12.87 -18.29 -12.63
C ILE B 294 11.67 -18.02 -11.73
N LEU B 295 10.50 -18.54 -12.10
N LEU B 295 10.50 -18.51 -12.12
CA LEU B 295 9.32 -18.39 -11.26
CA LEU B 295 9.31 -18.42 -11.27
C LEU B 295 9.54 -19.01 -9.88
C LEU B 295 9.59 -18.98 -9.89
N GLN B 296 10.20 -20.17 -9.83
CA GLN B 296 10.48 -20.81 -8.56
C GLN B 296 11.37 -19.93 -7.67
N VAL B 297 12.35 -19.24 -8.27
CA VAL B 297 13.20 -18.37 -7.46
C VAL B 297 12.43 -17.13 -7.04
N PHE B 298 11.58 -16.58 -7.92
CA PHE B 298 10.70 -15.47 -7.52
C PHE B 298 9.88 -15.87 -6.28
N GLN B 299 9.32 -17.07 -6.28
N GLN B 299 9.32 -17.08 -6.28
CA GLN B 299 8.55 -17.53 -5.12
CA GLN B 299 8.56 -17.52 -5.12
C GLN B 299 9.42 -17.58 -3.87
C GLN B 299 9.42 -17.58 -3.87
N GLU B 300 10.64 -18.11 -3.99
CA GLU B 300 11.53 -18.19 -2.83
C GLU B 300 11.88 -16.80 -2.30
N LEU B 301 11.94 -15.80 -3.17
CA LEU B 301 12.24 -14.42 -2.80
C LEU B 301 11.01 -13.61 -2.40
N ASN B 302 9.81 -14.21 -2.42
CA ASN B 302 8.55 -13.48 -2.15
C ASN B 302 8.36 -12.33 -3.12
N ASN B 303 8.84 -12.49 -4.36
CA ASN B 303 8.58 -11.50 -5.40
C ASN B 303 7.29 -11.92 -6.11
N PHE B 304 6.16 -11.49 -5.55
CA PHE B 304 4.87 -11.87 -6.12
C PHE B 304 4.60 -11.17 -7.44
N ASN B 305 5.10 -9.95 -7.61
CA ASN B 305 5.01 -9.31 -8.93
C ASN B 305 5.68 -10.18 -9.98
N GLY B 306 6.88 -10.69 -9.67
CA GLY B 306 7.59 -11.56 -10.59
C GLY B 306 6.85 -12.86 -10.85
N VAL B 307 6.33 -13.49 -9.79
CA VAL B 307 5.53 -14.70 -9.97
C VAL B 307 4.42 -14.45 -10.99
N LEU B 308 3.69 -13.34 -10.82
CA LEU B 308 2.55 -13.11 -11.70
C LEU B 308 2.97 -12.68 -13.10
N GLU B 309 4.15 -12.03 -13.25
CA GLU B 309 4.67 -11.77 -14.58
C GLU B 309 4.81 -13.07 -15.37
N VAL B 310 5.31 -14.11 -14.72
CA VAL B 310 5.48 -15.39 -15.38
C VAL B 310 4.12 -16.04 -15.64
N VAL B 311 3.26 -16.06 -14.61
CA VAL B 311 1.94 -16.66 -14.78
C VAL B 311 1.18 -15.97 -15.90
N SER B 312 1.21 -14.63 -15.94
CA SER B 312 0.53 -13.90 -17.00
C SER B 312 1.06 -14.31 -18.37
N ALA B 313 2.37 -14.47 -18.49
CA ALA B 313 2.95 -14.87 -19.78
C ALA B 313 2.48 -16.26 -20.17
N MET B 314 2.47 -17.20 -19.22
CA MET B 314 2.09 -18.57 -19.56
C MET B 314 0.61 -18.68 -19.89
N ASN B 315 -0.22 -17.81 -19.31
CA ASN B 315 -1.65 -17.82 -19.61
C ASN B 315 -2.04 -16.90 -20.76
N SER B 316 -1.07 -16.26 -21.42
CA SER B 316 -1.40 -15.44 -22.58
C SER B 316 -1.88 -16.32 -23.73
N SER B 317 -2.67 -15.74 -24.64
CA SER B 317 -3.18 -16.50 -25.78
CA SER B 317 -3.18 -16.53 -25.75
C SER B 317 -2.07 -17.16 -26.60
N PRO B 318 -0.93 -16.50 -26.88
CA PRO B 318 0.08 -17.19 -27.71
C PRO B 318 0.72 -18.38 -27.02
N VAL B 319 0.88 -18.36 -25.70
CA VAL B 319 1.61 -19.43 -25.02
C VAL B 319 0.68 -20.54 -24.56
N TYR B 320 -0.49 -20.18 -24.02
CA TYR B 320 -1.38 -21.15 -23.42
C TYR B 320 -1.76 -22.27 -24.39
N ARG B 321 -1.83 -21.95 -25.67
CA ARG B 321 -2.30 -22.93 -26.65
C ARG B 321 -1.22 -23.91 -27.11
N LEU B 322 0.00 -23.80 -26.58
CA LEU B 322 1.14 -24.61 -27.07
C LEU B 322 1.16 -25.97 -26.37
N ASP B 323 0.16 -26.79 -26.73
CA ASP B 323 -0.04 -28.09 -26.08
C ASP B 323 1.15 -29.03 -26.25
N HIS B 324 1.82 -28.99 -27.41
CA HIS B 324 2.98 -29.87 -27.59
C HIS B 324 4.12 -29.50 -26.65
N THR B 325 4.26 -28.22 -26.35
CA THR B 325 5.29 -27.78 -25.41
C THR B 325 4.93 -28.17 -23.99
N PHE B 326 3.68 -27.90 -23.60
CA PHE B 326 3.20 -28.26 -22.27
C PHE B 326 3.39 -29.75 -21.99
N GLU B 327 3.10 -30.58 -23.00
CA GLU B 327 3.21 -32.03 -22.80
C GLU B 327 4.61 -32.45 -22.37
N GLN B 328 5.64 -31.75 -22.82
N GLN B 328 5.63 -31.75 -22.83
CA GLN B 328 6.99 -32.18 -22.52
CA GLN B 328 7.02 -32.09 -22.58
C GLN B 328 7.59 -31.48 -21.30
C GLN B 328 7.56 -31.52 -21.28
N ILE B 329 6.86 -30.58 -20.67
CA ILE B 329 7.35 -29.96 -19.43
C ILE B 329 7.33 -30.99 -18.30
N PRO B 330 8.40 -31.14 -17.52
CA PRO B 330 8.39 -32.10 -16.42
C PRO B 330 7.21 -31.89 -15.46
N SER B 331 6.71 -33.01 -14.93
CA SER B 331 5.53 -32.95 -14.06
CA SER B 331 5.53 -32.94 -14.06
C SER B 331 5.73 -32.00 -12.88
N ARG B 332 6.93 -32.03 -12.27
CA ARG B 332 7.15 -31.16 -11.12
C ARG B 332 7.06 -29.69 -11.49
N GLN B 333 7.40 -29.34 -12.73
CA GLN B 333 7.32 -27.95 -13.17
C GLN B 333 5.90 -27.58 -13.56
N LYS B 334 5.15 -28.51 -14.16
CA LYS B 334 3.72 -28.28 -14.34
C LYS B 334 3.07 -27.93 -13.02
N LYS B 335 3.46 -28.62 -11.95
CA LYS B 335 2.84 -28.41 -10.65
C LYS B 335 3.23 -27.06 -10.06
N ILE B 336 4.49 -26.65 -10.24
CA ILE B 336 4.92 -25.32 -9.78
C ILE B 336 4.11 -24.24 -10.46
N LEU B 337 3.93 -24.35 -11.77
CA LEU B 337 3.18 -23.33 -12.50
C LEU B 337 1.71 -23.34 -12.08
N GLU B 338 1.12 -24.53 -11.94
CA GLU B 338 -0.28 -24.63 -11.56
C GLU B 338 -0.53 -24.03 -10.17
N GLU B 339 0.35 -24.34 -9.22
CA GLU B 339 0.19 -23.79 -7.87
C GLU B 339 0.41 -22.29 -7.85
N ALA B 340 1.31 -21.77 -8.68
CA ALA B 340 1.45 -20.32 -8.80
C ALA B 340 0.18 -19.70 -9.37
N HIS B 341 -0.41 -20.34 -10.38
CA HIS B 341 -1.65 -19.81 -10.93
C HIS B 341 -2.79 -19.85 -9.91
N GLU B 342 -2.78 -20.85 -9.03
CA GLU B 342 -3.83 -20.95 -8.02
C GLU B 342 -3.83 -19.75 -7.08
N LEU B 343 -2.70 -19.06 -6.94
CA LEU B 343 -2.69 -17.84 -6.12
C LEU B 343 -3.69 -16.81 -6.63
N SER B 344 -3.92 -16.77 -7.95
CA SER B 344 -4.77 -15.74 -8.53
CA SER B 344 -4.77 -15.76 -8.57
C SER B 344 -6.25 -16.14 -8.57
N GLU B 345 -6.55 -17.42 -8.42
CA GLU B 345 -7.93 -17.89 -8.50
C GLU B 345 -8.80 -17.30 -7.40
N ASP B 346 -10.11 -17.29 -7.65
CA ASP B 346 -11.09 -16.82 -6.68
C ASP B 346 -10.73 -15.43 -6.16
N HIS B 347 -10.46 -14.51 -7.09
CA HIS B 347 -10.17 -13.12 -6.75
C HIS B 347 -8.96 -13.02 -5.83
N TYR B 348 -7.90 -13.76 -6.18
CA TYR B 348 -6.61 -13.70 -5.49
C TYR B 348 -6.70 -14.19 -4.04
N LYS B 349 -7.63 -15.08 -3.75
CA LYS B 349 -7.81 -15.52 -2.36
C LYS B 349 -6.51 -16.07 -1.76
N LYS B 350 -5.86 -17.00 -2.47
CA LYS B 350 -4.65 -17.60 -1.90
C LYS B 350 -3.48 -16.63 -1.93
N TYR B 351 -3.38 -15.78 -2.95
CA TYR B 351 -2.35 -14.75 -2.95
C TYR B 351 -2.45 -13.87 -1.71
N LEU B 352 -3.66 -13.40 -1.41
CA LEU B 352 -3.82 -12.48 -0.28
C LEU B 352 -3.42 -13.14 1.03
N ALA B 353 -3.81 -14.41 1.20
CA ALA B 353 -3.40 -15.14 2.40
C ALA B 353 -1.90 -15.35 2.45
N LYS B 354 -1.28 -15.63 1.29
CA LYS B 354 0.16 -15.87 1.28
C LYS B 354 0.93 -14.59 1.59
N LEU B 355 0.54 -13.47 0.97
CA LEU B 355 1.18 -12.19 1.24
C LEU B 355 1.18 -11.85 2.72
N ARG B 356 0.06 -12.11 3.39
CA ARG B 356 -0.09 -11.79 4.81
C ARG B 356 0.59 -12.81 5.72
N SER B 357 1.15 -13.89 5.18
CA SER B 357 1.83 -14.88 6.01
C SER B 357 3.34 -14.88 5.87
N ILE B 358 3.91 -14.31 4.80
CA ILE B 358 5.35 -14.46 4.58
C ILE B 358 6.13 -13.51 5.47
N ASN B 359 7.44 -13.72 5.52
CA ASN B 359 8.37 -12.85 6.20
C ASN B 359 8.97 -11.92 5.15
N PRO B 360 8.72 -10.62 5.20
CA PRO B 360 9.30 -9.71 4.22
C PRO B 360 10.82 -9.72 4.33
N PRO B 361 11.53 -9.20 3.32
CA PRO B 361 11.06 -8.43 2.15
C PRO B 361 10.25 -9.22 1.14
N CYS B 362 9.33 -8.51 0.50
CA CYS B 362 8.54 -9.06 -0.60
C CYS B 362 8.31 -7.95 -1.61
N VAL B 363 7.82 -8.34 -2.79
CA VAL B 363 7.33 -7.40 -3.79
C VAL B 363 5.87 -7.76 -4.07
N PRO B 364 4.93 -7.02 -3.51
CA PRO B 364 3.50 -7.29 -3.77
C PRO B 364 3.16 -7.08 -5.24
N PHE B 365 2.07 -7.72 -5.66
CA PHE B 365 1.41 -7.37 -6.91
C PHE B 365 0.57 -6.11 -6.69
N PHE B 366 0.84 -5.03 -7.45
CA PHE B 366 0.16 -3.77 -7.17
C PHE B 366 -1.27 -3.72 -7.66
N GLY B 367 -1.63 -4.55 -8.65
CA GLY B 367 -2.90 -4.37 -9.33
C GLY B 367 -4.10 -4.46 -8.39
N ILE B 368 -4.03 -5.35 -7.39
CA ILE B 368 -5.14 -5.51 -6.45
C ILE B 368 -5.37 -4.23 -5.68
N TYR B 369 -4.29 -3.60 -5.25
CA TYR B 369 -4.42 -2.33 -4.53
C TYR B 369 -5.08 -1.27 -5.39
N LEU B 370 -4.72 -1.21 -6.67
CA LEU B 370 -5.28 -0.21 -7.56
C LEU B 370 -6.79 -0.41 -7.69
N THR B 371 -7.20 -1.65 -7.94
CA THR B 371 -8.64 -1.92 -8.05
C THR B 371 -9.39 -1.58 -6.76
N ASN B 372 -8.80 -1.90 -5.61
CA ASN B 372 -9.49 -1.62 -4.34
C ASN B 372 -9.54 -0.13 -4.05
N ILE B 373 -8.48 0.63 -4.37
CA ILE B 373 -8.55 2.08 -4.18
C ILE B 373 -9.59 2.69 -5.09
N LEU B 374 -9.57 2.31 -6.37
N LEU B 374 -9.57 2.31 -6.37
CA LEU B 374 -10.50 2.87 -7.35
CA LEU B 374 -10.50 2.88 -7.33
C LEU B 374 -11.94 2.59 -6.96
C LEU B 374 -11.95 2.60 -6.93
N LYS B 375 -12.24 1.35 -6.55
CA LYS B 375 -13.63 1.00 -6.22
C LYS B 375 -14.07 1.62 -4.91
N THR B 376 -13.15 1.76 -3.94
CA THR B 376 -13.49 2.50 -2.71
C THR B 376 -13.85 3.95 -3.03
N GLU B 377 -13.09 4.58 -3.94
CA GLU B 377 -13.38 5.97 -4.26
CA GLU B 377 -13.34 5.97 -4.32
C GLU B 377 -14.66 6.11 -5.08
N GLU B 378 -14.90 5.19 -6.01
CA GLU B 378 -16.08 5.29 -6.86
C GLU B 378 -17.35 4.86 -6.15
N GLY B 379 -17.24 3.96 -5.18
CA GLY B 379 -18.39 3.34 -4.56
C GLY B 379 -18.90 3.97 -3.28
N ASN B 380 -18.28 5.08 -2.85
CA ASN B 380 -18.69 5.75 -1.62
C ASN B 380 -18.82 7.24 -1.88
N PRO B 381 -19.80 7.90 -1.25
CA PRO B 381 -20.00 9.33 -1.51
C PRO B 381 -18.98 10.20 -0.78
N GLU B 382 -18.69 11.36 -1.39
CA GLU B 382 -17.79 12.31 -0.77
C GLU B 382 -18.36 12.90 0.50
N VAL B 383 -19.67 13.10 0.56
CA VAL B 383 -20.29 13.72 1.72
C VAL B 383 -21.45 12.87 2.19
N LEU B 384 -21.76 13.00 3.49
CA LEU B 384 -23.00 12.46 4.05
C LEU B 384 -23.88 13.64 4.45
N LYS B 385 -25.16 13.57 4.11
CA LYS B 385 -26.10 14.64 4.43
C LYS B 385 -26.83 14.25 5.72
N ARG B 386 -26.74 15.12 6.73
CA ARG B 386 -27.33 14.86 8.04
C ARG B 386 -27.86 16.16 8.61
N HIS B 387 -29.15 16.19 8.95
CA HIS B 387 -29.77 17.35 9.61
C HIS B 387 -29.59 18.62 8.79
N GLY B 388 -29.69 18.49 7.46
CA GLY B 388 -29.51 19.62 6.57
C GLY B 388 -28.08 20.05 6.32
N LYS B 389 -27.10 19.40 6.95
CA LYS B 389 -25.70 19.74 6.78
C LYS B 389 -25.01 18.71 5.90
N GLU B 390 -23.97 19.14 5.20
CA GLU B 390 -23.12 18.22 4.47
C GLU B 390 -21.87 17.98 5.30
N LEU B 391 -21.63 16.72 5.65
CA LEU B 391 -20.45 16.33 6.41
C LEU B 391 -19.51 15.56 5.50
N ILE B 392 -18.21 15.78 5.68
CA ILE B 392 -17.22 15.02 4.94
C ILE B 392 -17.30 13.55 5.35
N ASN B 393 -17.44 12.66 4.36
CA ASN B 393 -17.47 11.22 4.62
C ASN B 393 -16.04 10.77 4.89
N PHE B 394 -15.64 10.75 6.15
CA PHE B 394 -14.25 10.41 6.44
C PHE B 394 -14.01 8.90 6.41
N SER B 395 -15.02 8.08 6.68
N SER B 395 -15.03 8.08 6.69
CA SER B 395 -14.86 6.64 6.60
CA SER B 395 -14.87 6.63 6.61
C SER B 395 -14.33 6.22 5.24
C SER B 395 -14.35 6.20 5.23
N LYS B 396 -14.79 6.89 4.18
CA LYS B 396 -14.29 6.58 2.84
C LYS B 396 -12.79 6.84 2.73
N ARG B 397 -12.34 7.96 3.29
CA ARG B 397 -10.92 8.30 3.26
C ARG B 397 -10.10 7.32 4.12
N ARG B 398 -10.64 6.92 5.28
CA ARG B 398 -9.94 5.93 6.09
C ARG B 398 -9.73 4.62 5.32
N LYS B 399 -10.75 4.17 4.58
CA LYS B 399 -10.60 2.95 3.79
C LYS B 399 -9.49 3.08 2.74
N VAL B 400 -9.42 4.23 2.07
CA VAL B 400 -8.34 4.43 1.09
C VAL B 400 -6.98 4.42 1.79
N ALA B 401 -6.88 5.10 2.92
CA ALA B 401 -5.61 5.16 3.64
C ALA B 401 -5.23 3.83 4.27
N GLU B 402 -6.20 2.94 4.53
CA GLU B 402 -5.82 1.61 4.97
CA GLU B 402 -5.83 1.60 4.96
C GLU B 402 -5.08 0.88 3.85
N ILE B 403 -5.49 1.08 2.61
CA ILE B 403 -4.81 0.47 1.48
C ILE B 403 -3.43 1.11 1.27
N THR B 404 -3.35 2.45 1.26
CA THR B 404 -2.02 3.06 1.09
C THR B 404 -1.10 2.71 2.24
N GLY B 405 -1.65 2.51 3.45
CA GLY B 405 -0.82 2.10 4.57
C GLY B 405 -0.26 0.69 4.41
N GLU B 406 -1.08 -0.23 3.88
CA GLU B 406 -0.58 -1.57 3.60
CA GLU B 406 -0.59 -1.57 3.60
C GLU B 406 0.52 -1.54 2.56
N ILE B 407 0.33 -0.73 1.51
CA ILE B 407 1.37 -0.57 0.49
C ILE B 407 2.66 -0.11 1.15
N GLN B 408 2.58 0.94 1.97
CA GLN B 408 3.77 1.51 2.58
C GLN B 408 4.45 0.51 3.51
N GLN B 409 3.67 -0.33 4.20
CA GLN B 409 4.29 -1.27 5.14
C GLN B 409 5.23 -2.23 4.40
N TYR B 410 4.86 -2.67 3.20
CA TYR B 410 5.74 -3.55 2.43
C TYR B 410 6.84 -2.80 1.68
N GLN B 411 6.83 -1.46 1.68
CA GLN B 411 7.92 -0.71 1.05
C GLN B 411 9.11 -0.50 1.98
N ASN B 412 9.04 -0.93 3.23
CA ASN B 412 10.09 -0.57 4.17
C ASN B 412 11.29 -1.50 4.09
N GLN B 413 11.06 -2.80 3.88
CA GLN B 413 12.09 -3.82 4.06
C GLN B 413 12.92 -3.98 2.80
N PRO B 414 14.24 -3.80 2.85
CA PRO B 414 15.09 -3.96 1.66
C PRO B 414 15.59 -5.38 1.50
N TYR B 415 15.84 -5.75 0.24
CA TYR B 415 16.40 -7.07 -0.06
C TYR B 415 17.89 -7.10 0.19
N CYS B 416 18.36 -8.19 0.81
CA CYS B 416 19.79 -8.40 1.02
C CYS B 416 20.33 -9.17 -0.18
N LEU B 417 20.43 -8.47 -1.30
CA LEU B 417 20.93 -9.00 -2.56
C LEU B 417 21.82 -7.96 -3.19
N ARG B 418 22.92 -8.41 -3.80
CA ARG B 418 23.86 -7.50 -4.44
C ARG B 418 23.42 -7.17 -5.86
N VAL B 419 23.44 -5.87 -6.20
CA VAL B 419 23.18 -5.44 -7.58
C VAL B 419 24.33 -5.86 -8.48
N GLU B 420 24.01 -6.37 -9.66
CA GLU B 420 24.97 -6.56 -10.74
C GLU B 420 24.60 -5.52 -11.80
N SER B 421 25.45 -4.51 -11.98
N SER B 421 25.45 -4.51 -11.97
CA SER B 421 25.06 -3.33 -12.74
CA SER B 421 25.03 -3.33 -12.73
C SER B 421 24.77 -3.66 -14.20
C SER B 421 24.78 -3.64 -14.21
N ASP B 422 25.52 -4.59 -14.79
CA ASP B 422 25.30 -4.95 -16.18
C ASP B 422 24.01 -5.74 -16.38
N ILE B 423 23.73 -6.70 -15.48
CA ILE B 423 22.47 -7.44 -15.58
C ILE B 423 21.30 -6.51 -15.33
N LYS B 424 21.44 -5.60 -14.36
N LYS B 424 21.44 -5.61 -14.35
CA LYS B 424 20.40 -4.60 -14.10
CA LYS B 424 20.42 -4.59 -14.09
C LYS B 424 20.12 -3.78 -15.34
C LYS B 424 20.13 -3.78 -15.34
N ARG B 425 21.19 -3.29 -16.00
CA ARG B 425 21.01 -2.47 -17.20
C ARG B 425 20.34 -3.27 -18.31
N PHE B 426 20.74 -4.53 -18.48
CA PHE B 426 20.11 -5.40 -19.46
C PHE B 426 18.59 -5.45 -19.28
N PHE B 427 18.13 -5.64 -18.04
CA PHE B 427 16.70 -5.74 -17.83
C PHE B 427 16.02 -4.38 -17.85
N GLU B 428 16.73 -3.31 -17.48
CA GLU B 428 16.15 -1.98 -17.60
C GLU B 428 15.93 -1.59 -19.05
N ASN B 429 16.77 -2.06 -19.95
CA ASN B 429 16.70 -1.68 -21.36
C ASN B 429 15.93 -2.68 -22.21
N LEU B 430 15.39 -3.73 -21.62
CA LEU B 430 14.60 -4.71 -22.36
C LEU B 430 13.45 -4.01 -23.08
N ASN B 431 13.26 -4.33 -24.36
CA ASN B 431 12.23 -3.67 -25.16
C ASN B 431 11.70 -4.64 -26.20
N PRO B 432 10.92 -5.64 -25.76
CA PRO B 432 10.49 -6.68 -26.72
C PRO B 432 9.64 -6.17 -27.86
N MET B 433 8.85 -5.11 -27.66
CA MET B 433 8.00 -4.59 -28.73
CA MET B 433 8.01 -4.62 -28.75
C MET B 433 8.78 -3.81 -29.78
N GLY B 434 10.00 -3.36 -29.45
CA GLY B 434 10.74 -2.56 -30.43
C GLY B 434 9.98 -1.28 -30.74
N ASN B 435 9.89 -0.93 -32.02
CA ASN B 435 9.10 0.23 -32.44
C ASN B 435 7.66 -0.13 -32.79
N SER B 436 7.24 -1.37 -32.57
CA SER B 436 5.89 -1.77 -32.96
C SER B 436 4.86 -1.28 -31.95
N MET B 437 3.66 -0.98 -32.45
CA MET B 437 2.55 -0.72 -31.55
C MET B 437 2.03 -2.02 -30.93
N GLU B 438 1.25 -1.89 -29.86
CA GLU B 438 0.84 -3.05 -29.07
C GLU B 438 0.06 -4.07 -29.89
N LYS B 439 -0.93 -3.62 -30.68
CA LYS B 439 -1.75 -4.58 -31.41
C LYS B 439 -0.93 -5.32 -32.45
N GLU B 440 -0.11 -4.58 -33.20
CA GLU B 440 0.79 -5.16 -34.17
C GLU B 440 1.70 -6.21 -33.53
N PHE B 441 2.22 -5.91 -32.33
CA PHE B 441 3.13 -6.83 -31.68
C PHE B 441 2.40 -8.06 -31.12
N THR B 442 1.26 -7.87 -30.47
CA THR B 442 0.60 -9.05 -29.91
C THR B 442 0.00 -9.92 -31.00
N ASP B 443 -0.43 -9.33 -32.13
CA ASP B 443 -0.80 -10.16 -33.28
C ASP B 443 0.40 -10.93 -33.82
N TYR B 444 1.58 -10.30 -33.83
CA TYR B 444 2.79 -11.00 -34.26
C TYR B 444 3.05 -12.22 -33.37
N LEU B 445 2.97 -12.05 -32.05
CA LEU B 445 3.19 -13.18 -31.15
C LEU B 445 2.20 -14.30 -31.39
N PHE B 446 0.93 -13.94 -31.61
CA PHE B 446 -0.07 -14.97 -31.83
C PHE B 446 0.16 -15.67 -33.16
N ASN B 447 0.53 -14.92 -34.19
CA ASN B 447 0.84 -15.57 -35.47
C ASN B 447 2.07 -16.46 -35.38
N LYS B 448 3.07 -16.09 -34.56
CA LYS B 448 4.18 -17.01 -34.34
C LYS B 448 3.70 -18.29 -33.67
N SER B 449 2.84 -18.16 -32.66
CA SER B 449 2.27 -19.34 -32.00
C SER B 449 1.60 -20.26 -33.02
N LEU B 450 0.79 -19.69 -33.91
CA LEU B 450 0.13 -20.49 -34.93
C LEU B 450 1.13 -21.15 -35.88
N GLU B 451 2.23 -20.46 -36.18
CA GLU B 451 3.26 -21.03 -37.04
C GLU B 451 3.93 -22.24 -36.40
N ILE B 452 4.34 -22.11 -35.13
CA ILE B 452 5.15 -23.17 -34.51
C ILE B 452 4.31 -24.34 -34.03
N GLU B 453 3.03 -24.14 -33.72
CA GLU B 453 2.11 -25.23 -33.38
C GLU B 453 0.77 -24.94 -34.02
N PRO B 454 0.59 -25.36 -35.27
CA PRO B 454 -0.64 -25.03 -36.00
C PRO B 454 -1.87 -25.65 -35.38
N ARG B 455 -3.03 -25.03 -35.63
N ARG B 455 -3.02 -25.02 -35.61
CA ARG B 455 -4.30 -25.55 -35.17
CA ARG B 455 -4.30 -25.56 -35.16
C ARG B 455 -4.56 -26.92 -35.80
C ARG B 455 -4.56 -26.91 -35.80
N ASN B 456 -5.07 -27.85 -35.00
CA ASN B 456 -5.51 -29.13 -35.54
C ASN B 456 -6.57 -28.86 -36.61
N PRO B 457 -6.61 -29.65 -37.70
CA PRO B 457 -5.81 -30.85 -37.96
C PRO B 457 -4.52 -30.60 -38.76
N LYS B 458 -4.06 -29.37 -38.84
CA LYS B 458 -2.81 -29.11 -39.54
C LYS B 458 -1.67 -29.87 -38.85
N PRO B 459 -0.74 -30.45 -39.60
CA PRO B 459 0.33 -31.21 -38.98
C PRO B 459 1.35 -30.32 -38.28
N LEU B 460 2.01 -30.87 -37.30
CA LEU B 460 3.05 -30.15 -36.57
C LEU B 460 4.34 -30.13 -37.40
N PRO B 461 4.83 -28.97 -37.81
CA PRO B 461 6.10 -28.92 -38.55
C PRO B 461 7.29 -29.12 -37.61
N ARG B 462 8.44 -29.32 -38.24
CA ARG B 462 9.73 -29.33 -37.56
C ARG B 462 10.47 -28.05 -37.89
N PHE B 463 11.32 -27.59 -36.97
CA PHE B 463 12.05 -26.35 -37.14
C PHE B 463 13.50 -26.54 -36.72
N PRO B 464 14.44 -25.83 -37.36
CA PRO B 464 15.85 -25.96 -36.96
C PRO B 464 16.13 -25.28 -35.62
N LYS B 465 17.19 -25.75 -34.98
CA LYS B 465 17.64 -25.18 -33.70
C LYS B 465 18.21 -23.79 -33.97
N LYS B 466 18.09 -22.91 -33.00
CA LYS B 466 18.63 -21.55 -33.09
C LYS B 466 19.73 -21.26 -32.08
N TYR B 467 19.88 -22.08 -31.04
CA TYR B 467 20.85 -21.81 -29.97
C TYR B 467 22.08 -22.68 -30.17
N SER B 468 23.27 -22.07 -30.12
CA SER B 468 24.50 -22.81 -30.33
C SER B 468 25.15 -23.27 -29.03
N TYR B 469 24.63 -22.88 -27.89
CA TYR B 469 25.18 -23.18 -26.59
C TYR B 469 24.33 -24.23 -25.87
N PRO B 470 24.86 -24.84 -24.79
CA PRO B 470 24.09 -25.89 -24.10
C PRO B 470 22.78 -25.35 -23.54
N LEU B 471 21.74 -26.15 -23.67
CA LEU B 471 20.42 -25.80 -23.15
C LEU B 471 20.20 -26.27 -21.71
N LYS B 472 21.09 -27.11 -21.18
CA LYS B 472 20.90 -27.63 -19.84
C LYS B 472 20.95 -26.52 -18.79
N SER B 473 19.94 -26.47 -17.94
CA SER B 473 19.93 -25.44 -16.90
C SER B 473 20.97 -25.75 -15.83
N PRO B 474 21.61 -24.73 -15.25
CA PRO B 474 22.44 -24.98 -14.07
C PRO B 474 21.60 -25.19 -12.81
N GLY B 475 20.27 -25.07 -12.88
CA GLY B 475 19.43 -25.27 -11.72
C GLY B 475 19.29 -24.01 -10.89
N VAL B 476 18.44 -24.09 -9.85
CA VAL B 476 18.11 -22.91 -9.06
C VAL B 476 18.52 -23.07 -7.60
N ARG B 477 19.33 -24.07 -7.27
CA ARG B 477 19.89 -24.07 -5.93
C ARG B 477 21.22 -23.33 -5.91
N PRO B 478 21.42 -22.39 -4.99
CA PRO B 478 22.64 -21.57 -5.04
C PRO B 478 23.89 -22.34 -4.65
N SER B 479 25.02 -21.85 -5.14
CA SER B 479 26.34 -22.41 -4.88
C SER B 479 27.08 -21.49 -3.93
N ASN B 480 28.09 -22.03 -3.24
CA ASN B 480 28.82 -21.23 -2.27
C ASN B 480 30.26 -21.70 -2.17
N PRO B 481 31.16 -21.13 -2.97
CA PRO B 481 32.59 -21.34 -2.74
C PRO B 481 33.05 -20.58 -1.51
N ARG B 482 34.23 -20.94 -1.03
CA ARG B 482 34.77 -20.27 0.15
C ARG B 482 35.10 -18.82 -0.19
N GLY C 1 -26.11 -27.81 -6.76
CA GLY C 1 -27.02 -26.73 -6.47
C GLY C 1 -27.25 -25.78 -7.63
N MET C 2 -27.24 -24.48 -7.33
CA MET C 2 -27.55 -23.49 -8.33
C MET C 2 -26.36 -23.21 -9.23
N THR C 3 -26.66 -22.84 -10.47
CA THR C 3 -25.62 -22.50 -11.43
C THR C 3 -24.90 -21.23 -11.03
N GLU C 4 -23.57 -21.22 -11.19
CA GLU C 4 -22.76 -20.03 -11.01
C GLU C 4 -22.27 -19.58 -12.38
N TYR C 5 -22.45 -18.29 -12.69
CA TYR C 5 -21.96 -17.72 -13.94
C TYR C 5 -20.78 -16.82 -13.65
N LYS C 6 -19.68 -17.05 -14.35
CA LYS C 6 -18.49 -16.23 -14.20
C LYS C 6 -18.51 -15.16 -15.28
N LEU C 7 -18.76 -13.92 -14.86
CA LEU C 7 -18.90 -12.79 -15.78
C LEU C 7 -17.67 -11.90 -15.65
N VAL C 8 -17.23 -11.34 -16.78
CA VAL C 8 -16.05 -10.49 -16.81
C VAL C 8 -16.41 -9.16 -17.45
N VAL C 9 -16.08 -8.06 -16.77
CA VAL C 9 -16.29 -6.70 -17.26
C VAL C 9 -15.01 -6.24 -17.91
N VAL C 10 -15.09 -5.77 -19.15
CA VAL C 10 -13.92 -5.24 -19.85
C VAL C 10 -14.26 -3.88 -20.44
N GLY C 11 -13.24 -3.06 -20.64
CA GLY C 11 -13.44 -1.76 -21.27
C GLY C 11 -12.40 -0.77 -20.81
N ALA C 12 -12.38 0.37 -21.49
CA ALA C 12 -11.38 1.41 -21.22
C ALA C 12 -11.46 1.90 -19.78
N GLY C 13 -10.27 2.30 -19.26
CA GLY C 13 -10.21 2.86 -17.93
C GLY C 13 -10.53 4.36 -17.90
N GLY C 14 -10.68 4.86 -16.67
CA GLY C 14 -10.82 6.28 -16.40
C GLY C 14 -12.15 6.88 -16.77
N VAL C 15 -13.15 6.07 -17.12
CA VAL C 15 -14.42 6.63 -17.58
C VAL C 15 -15.61 5.96 -16.90
N GLY C 16 -15.43 5.57 -15.63
CA GLY C 16 -16.58 5.16 -14.82
C GLY C 16 -17.04 3.72 -14.97
N LYS C 17 -16.26 2.88 -15.67
CA LYS C 17 -16.62 1.47 -15.87
C LYS C 17 -17.00 0.77 -14.57
N SER C 18 -16.28 1.04 -13.47
CA SER C 18 -16.50 0.31 -12.22
C SER C 18 -17.88 0.54 -11.60
N ALA C 19 -18.58 1.61 -12.00
CA ALA C 19 -19.88 1.88 -11.41
C ALA C 19 -20.91 0.80 -11.74
N LEU C 20 -20.71 0.10 -12.86
N LEU C 20 -20.70 0.08 -12.85
CA LEU C 20 -21.64 -0.96 -13.27
CA LEU C 20 -21.66 -0.94 -13.26
C LEU C 20 -21.75 -2.02 -12.19
C LEU C 20 -21.77 -2.05 -12.22
N THR C 21 -20.63 -2.66 -11.85
CA THR C 21 -20.67 -3.76 -10.92
C THR C 21 -20.92 -3.28 -9.50
N ILE C 22 -20.36 -2.12 -9.14
CA ILE C 22 -20.63 -1.55 -7.81
C ILE C 22 -22.12 -1.35 -7.62
N GLN C 23 -22.80 -0.78 -8.62
CA GLN C 23 -24.23 -0.52 -8.45
C GLN C 23 -25.04 -1.80 -8.43
N LEU C 24 -24.60 -2.83 -9.15
CA LEU C 24 -25.28 -4.11 -9.11
C LEU C 24 -25.16 -4.75 -7.74
N ILE C 25 -23.92 -4.97 -7.30
CA ILE C 25 -23.61 -5.75 -6.10
C ILE C 25 -23.98 -4.97 -4.87
N GLN C 26 -23.99 -3.64 -4.97
CA GLN C 26 -24.24 -2.77 -3.84
C GLN C 26 -25.47 -3.21 -3.08
N ASN C 27 -25.45 -2.94 -1.77
CA ASN C 27 -26.69 -2.54 -1.12
C ASN C 27 -27.29 -1.53 -2.07
N HIS C 28 -28.27 -1.96 -2.88
CA HIS C 28 -28.85 -1.06 -3.89
C HIS C 28 -29.21 0.28 -3.26
N PHE C 29 -29.73 0.26 -2.03
CA PHE C 29 -30.35 1.41 -1.41
C PHE C 29 -29.51 2.07 -0.33
N VAL C 30 -28.24 1.68 -0.18
CA VAL C 30 -27.30 2.51 0.58
C VAL C 30 -26.03 2.65 -0.26
N ASP C 31 -25.67 3.89 -0.57
CA ASP C 31 -24.55 4.16 -1.45
C ASP C 31 -23.27 3.98 -0.64
N GLU C 32 -22.76 2.76 -0.64
CA GLU C 32 -21.61 2.37 0.17
C GLU C 32 -20.96 1.14 -0.45
N TYR C 33 -19.68 0.90 -0.12
CA TYR C 33 -18.96 -0.19 -0.74
C TYR C 33 -17.62 -0.42 -0.04
N ASP C 34 -17.32 -1.69 0.26
CA ASP C 34 -15.96 -2.09 0.62
C ASP C 34 -15.55 -3.19 -0.35
N PRO C 35 -14.71 -2.88 -1.33
CA PRO C 35 -14.34 -3.91 -2.33
C PRO C 35 -13.43 -4.97 -1.76
N THR C 36 -12.78 -4.72 -0.62
CA THR C 36 -11.89 -5.72 -0.06
C THR C 36 -12.65 -6.87 0.57
N ILE C 37 -13.97 -6.74 0.71
CA ILE C 37 -14.76 -7.70 1.45
C ILE C 37 -15.00 -8.91 0.55
N GLU C 38 -14.40 -10.05 0.93
CA GLU C 38 -14.71 -11.36 0.39
C GLU C 38 -16.16 -11.43 -0.03
N ASP C 39 -16.38 -11.64 -1.33
CA ASP C 39 -17.72 -11.71 -1.91
C ASP C 39 -18.41 -10.34 -1.88
N SER C 40 -17.67 -9.30 -2.28
CA SER C 40 -18.23 -8.04 -2.74
CA SER C 40 -18.26 -8.06 -2.73
C SER C 40 -18.43 -8.05 -4.24
N TYR C 41 -18.33 -9.22 -4.86
CA TYR C 41 -18.44 -9.42 -6.30
C TYR C 41 -19.19 -10.72 -6.58
N ARG C 42 -19.92 -11.24 -5.59
CA ARG C 42 -20.80 -12.39 -5.76
C ARG C 42 -22.21 -12.00 -5.31
N LYS C 43 -23.20 -12.39 -6.11
CA LYS C 43 -24.57 -11.98 -5.86
C LYS C 43 -25.50 -13.07 -6.34
N GLN C 44 -26.40 -13.51 -5.45
CA GLN C 44 -27.44 -14.45 -5.82
C GLN C 44 -28.63 -13.69 -6.37
N VAL C 45 -29.10 -14.09 -7.55
CA VAL C 45 -30.17 -13.39 -8.26
C VAL C 45 -31.14 -14.42 -8.85
N VAL C 46 -32.34 -13.95 -9.15
CA VAL C 46 -33.36 -14.74 -9.83
C VAL C 46 -33.60 -14.12 -11.20
N ILE C 47 -33.30 -14.87 -12.25
CA ILE C 47 -33.43 -14.42 -13.63
C ILE C 47 -34.40 -15.34 -14.35
N ASP C 48 -35.53 -14.80 -14.78
CA ASP C 48 -36.59 -15.56 -15.43
C ASP C 48 -37.01 -16.76 -14.57
N GLY C 49 -37.16 -16.51 -13.27
CA GLY C 49 -37.61 -17.53 -12.36
C GLY C 49 -36.57 -18.52 -11.90
N GLU C 50 -35.34 -18.43 -12.41
CA GLU C 50 -34.30 -19.40 -12.08
C GLU C 50 -33.22 -18.73 -11.25
N THR C 51 -33.01 -19.23 -10.04
CA THR C 51 -32.00 -18.67 -9.15
C THR C 51 -30.61 -19.09 -9.60
N CYS C 52 -29.68 -18.13 -9.56
CA CYS C 52 -28.30 -18.43 -9.89
C CYS C 52 -27.39 -17.49 -9.11
N LEU C 53 -26.10 -17.76 -9.18
CA LEU C 53 -25.07 -16.98 -8.50
C LEU C 53 -24.20 -16.32 -9.56
N LEU C 54 -24.05 -15.01 -9.47
CA LEU C 54 -23.16 -14.27 -10.36
C LEU C 54 -21.83 -14.04 -9.66
N ASP C 55 -20.75 -14.42 -10.32
CA ASP C 55 -19.40 -14.07 -9.87
C ASP C 55 -18.85 -13.10 -10.92
N ILE C 56 -18.60 -11.86 -10.51
CA ILE C 56 -18.25 -10.81 -11.46
C ILE C 56 -16.79 -10.42 -11.25
N LEU C 57 -16.00 -10.51 -12.30
CA LEU C 57 -14.62 -10.04 -12.29
C LEU C 57 -14.57 -8.68 -12.97
N ASP C 58 -14.18 -7.66 -12.21
CA ASP C 58 -14.02 -6.30 -12.73
C ASP C 58 -12.67 -5.82 -12.21
N THR C 59 -11.66 -5.82 -13.09
CA THR C 59 -10.32 -5.41 -12.71
C THR C 59 -10.09 -3.92 -12.95
N ALA C 60 -11.14 -3.12 -12.91
CA ALA C 60 -11.03 -1.68 -13.10
C ALA C 60 -9.87 -1.12 -12.29
N GLY C 61 -9.07 -0.27 -12.95
CA GLY C 61 -7.86 0.27 -12.36
C GLY C 61 -6.58 -0.43 -12.80
N GLN C 62 -6.69 -1.64 -13.33
CA GLN C 62 -5.53 -2.41 -13.78
C GLN C 62 -5.34 -2.36 -15.30
N GLU C 63 -5.95 -1.37 -15.96
CA GLU C 63 -5.93 -1.35 -17.42
C GLU C 63 -4.50 -1.28 -17.99
N GLU C 64 -3.56 -0.67 -17.26
CA GLU C 64 -2.21 -0.57 -17.76
C GLU C 64 -1.47 -1.91 -17.73
N TYR C 65 -1.93 -2.88 -16.95
CA TYR C 65 -1.39 -4.24 -17.00
C TYR C 65 -1.96 -4.98 -18.21
N SER C 66 -1.59 -4.50 -19.39
CA SER C 66 -2.23 -4.98 -20.61
C SER C 66 -1.88 -6.43 -20.93
N ALA C 67 -0.74 -6.94 -20.44
CA ALA C 67 -0.39 -8.31 -20.74
C ALA C 67 -1.09 -9.30 -19.80
N MET C 68 -1.84 -8.80 -18.82
CA MET C 68 -2.64 -9.67 -17.97
C MET C 68 -4.07 -9.87 -18.49
N ARG C 69 -4.46 -9.15 -19.55
CA ARG C 69 -5.85 -9.23 -20.01
C ARG C 69 -6.23 -10.65 -20.39
N ASP C 70 -5.36 -11.36 -21.11
CA ASP C 70 -5.69 -12.71 -21.54
C ASP C 70 -6.00 -13.59 -20.34
N GLN C 71 -5.16 -13.55 -19.32
CA GLN C 71 -5.38 -14.42 -18.18
C GLN C 71 -6.69 -14.09 -17.47
N TYR C 72 -6.95 -12.81 -17.23
CA TYR C 72 -8.22 -12.41 -16.62
C TYR C 72 -9.40 -12.84 -17.49
N MET C 73 -9.32 -12.62 -18.80
CA MET C 73 -10.45 -12.93 -19.68
C MET C 73 -10.73 -14.41 -19.74
N ARG C 74 -9.71 -15.27 -19.66
CA ARG C 74 -9.99 -16.68 -19.86
C ARG C 74 -10.87 -17.24 -18.75
N THR C 75 -10.92 -16.57 -17.60
CA THR C 75 -11.77 -17.04 -16.50
C THR C 75 -13.27 -16.91 -16.82
N GLY C 76 -13.66 -16.14 -17.84
CA GLY C 76 -15.04 -15.76 -18.01
C GLY C 76 -15.85 -16.63 -18.95
N GLU C 77 -17.14 -16.80 -18.62
CA GLU C 77 -18.11 -17.41 -19.51
C GLU C 77 -18.85 -16.39 -20.36
N GLY C 78 -18.99 -15.17 -19.86
CA GLY C 78 -19.71 -14.12 -20.56
C GLY C 78 -19.06 -12.80 -20.21
N PHE C 79 -19.18 -11.84 -21.14
CA PHE C 79 -18.43 -10.60 -21.05
C PHE C 79 -19.34 -9.40 -21.25
N LEU C 80 -19.15 -8.39 -20.41
CA LEU C 80 -19.74 -7.08 -20.63
C LEU C 80 -18.64 -6.19 -21.19
N CYS C 81 -18.81 -5.74 -22.43
CA CYS C 81 -17.85 -4.81 -23.04
C CYS C 81 -18.40 -3.40 -22.88
N VAL C 82 -17.74 -2.59 -22.05
CA VAL C 82 -18.26 -1.31 -21.58
C VAL C 82 -17.50 -0.17 -22.22
N PHE C 83 -18.22 0.83 -22.72
CA PHE C 83 -17.62 2.10 -23.12
C PHE C 83 -18.44 3.22 -22.49
N ALA C 84 -17.86 4.41 -22.46
CA ALA C 84 -18.54 5.59 -21.92
C ALA C 84 -19.15 6.38 -23.07
N ILE C 85 -20.42 6.80 -22.91
CA ILE C 85 -21.09 7.47 -24.02
C ILE C 85 -20.56 8.87 -24.28
N ASN C 86 -19.71 9.40 -23.39
CA ASN C 86 -19.07 10.68 -23.65
C ASN C 86 -17.58 10.53 -23.98
N ASN C 87 -17.15 9.33 -24.38
CA ASN C 87 -15.73 9.11 -24.70
C ASN C 87 -15.66 8.25 -25.96
N THR C 88 -15.49 8.90 -27.12
N THR C 88 -15.49 8.89 -27.12
CA THR C 88 -15.50 8.18 -28.38
CA THR C 88 -15.50 8.15 -28.37
C THR C 88 -14.35 7.17 -28.46
C THR C 88 -14.35 7.17 -28.47
N LYS C 89 -13.20 7.50 -27.89
CA LYS C 89 -12.08 6.55 -27.91
C LYS C 89 -12.46 5.23 -27.24
N SER C 90 -13.16 5.29 -26.09
CA SER C 90 -13.55 4.06 -25.42
C SER C 90 -14.50 3.23 -26.29
N PHE C 91 -15.33 3.90 -27.09
CA PHE C 91 -16.21 3.20 -28.02
C PHE C 91 -15.42 2.56 -29.15
N GLU C 92 -14.45 3.30 -29.69
CA GLU C 92 -13.62 2.74 -30.75
C GLU C 92 -12.75 1.58 -30.25
N ASP C 93 -12.44 1.54 -28.94
CA ASP C 93 -11.69 0.41 -28.38
C ASP C 93 -12.47 -0.91 -28.39
N ILE C 94 -13.80 -0.86 -28.54
CA ILE C 94 -14.62 -2.05 -28.32
C ILE C 94 -14.23 -3.16 -29.28
N HIS C 95 -13.98 -2.81 -30.55
CA HIS C 95 -13.67 -3.82 -31.55
C HIS C 95 -12.50 -4.68 -31.10
N GLN C 96 -11.43 -4.06 -30.58
CA GLN C 96 -10.26 -4.83 -30.20
C GLN C 96 -10.51 -5.66 -28.95
N TYR C 97 -11.31 -5.16 -28.00
CA TYR C 97 -11.69 -5.99 -26.86
C TYR C 97 -12.43 -7.24 -27.31
N ARG C 98 -13.38 -7.08 -28.24
CA ARG C 98 -14.14 -8.23 -28.72
C ARG C 98 -13.24 -9.23 -29.43
N GLU C 99 -12.32 -8.73 -30.26
CA GLU C 99 -11.39 -9.63 -30.94
C GLU C 99 -10.51 -10.38 -29.95
N GLN C 100 -10.09 -9.71 -28.89
CA GLN C 100 -9.24 -10.35 -27.90
C GLN C 100 -10.00 -11.42 -27.13
N ILE C 101 -11.27 -11.15 -26.80
CA ILE C 101 -12.10 -12.15 -26.13
C ILE C 101 -12.27 -13.38 -27.02
N LYS C 102 -12.56 -13.16 -28.30
CA LYS C 102 -12.74 -14.28 -29.22
C LYS C 102 -11.47 -15.12 -29.30
N ARG C 103 -10.31 -14.47 -29.31
CA ARG C 103 -9.05 -15.20 -29.37
C ARG C 103 -8.80 -15.98 -28.09
N VAL C 104 -9.00 -15.34 -26.93
CA VAL C 104 -8.73 -16.00 -25.66
C VAL C 104 -9.66 -17.19 -25.44
N LYS C 105 -10.94 -17.05 -25.81
CA LYS C 105 -11.89 -18.13 -25.65
C LYS C 105 -11.86 -19.11 -26.81
N ASP C 106 -11.10 -18.80 -27.86
CA ASP C 106 -10.99 -19.64 -29.06
C ASP C 106 -12.36 -19.96 -29.64
N SER C 107 -13.18 -18.94 -29.78
CA SER C 107 -14.54 -19.10 -30.28
C SER C 107 -14.97 -17.84 -31.00
N ASP C 108 -15.74 -18.00 -32.07
CA ASP C 108 -16.32 -16.86 -32.75
C ASP C 108 -17.65 -16.44 -32.17
N ASP C 109 -18.17 -17.20 -31.20
CA ASP C 109 -19.49 -16.98 -30.64
C ASP C 109 -19.38 -17.05 -29.11
N VAL C 110 -18.88 -15.98 -28.52
CA VAL C 110 -18.73 -15.88 -27.06
C VAL C 110 -19.87 -15.03 -26.52
N PRO C 111 -20.59 -15.47 -25.48
CA PRO C 111 -21.65 -14.63 -24.91
C PRO C 111 -21.10 -13.29 -24.47
N MET C 112 -21.68 -12.22 -25.00
CA MET C 112 -21.23 -10.90 -24.61
C MET C 112 -22.32 -9.89 -24.89
N VAL C 113 -22.25 -8.78 -24.18
CA VAL C 113 -23.17 -7.66 -24.36
C VAL C 113 -22.33 -6.40 -24.47
N LEU C 114 -22.83 -5.45 -25.26
CA LEU C 114 -22.23 -4.12 -25.38
C LEU C 114 -22.96 -3.19 -24.43
N VAL C 115 -22.21 -2.46 -23.61
CA VAL C 115 -22.80 -1.58 -22.60
C VAL C 115 -22.28 -0.17 -22.81
N GLY C 116 -23.19 0.77 -23.04
CA GLY C 116 -22.85 2.18 -23.08
C GLY C 116 -23.21 2.79 -21.74
N ASN C 117 -22.21 3.35 -21.07
CA ASN C 117 -22.32 3.80 -19.69
C ASN C 117 -22.29 5.33 -19.65
N LYS C 118 -23.28 5.92 -18.98
N LYS C 118 -23.29 5.93 -19.00
CA LYS C 118 -23.35 7.38 -18.79
CA LYS C 118 -23.31 7.38 -18.83
C LYS C 118 -22.72 7.69 -17.44
C LYS C 118 -22.71 7.67 -17.46
N CYS C 119 -21.49 8.19 -17.44
CA CYS C 119 -20.74 8.34 -16.21
C CYS C 119 -20.76 9.75 -15.64
N ASP C 120 -21.27 10.73 -16.39
CA ASP C 120 -21.40 12.07 -15.85
C ASP C 120 -22.36 12.86 -16.74
N LEU C 121 -22.45 14.17 -16.49
CA LEU C 121 -23.30 15.05 -17.27
C LEU C 121 -22.56 15.71 -18.42
N ALA C 122 -21.28 15.37 -18.63
CA ALA C 122 -20.58 15.84 -19.81
C ALA C 122 -21.31 15.36 -21.05
N ALA C 123 -21.12 16.09 -22.16
CA ALA C 123 -21.95 15.90 -23.35
C ALA C 123 -21.72 14.53 -23.96
N ARG C 124 -22.81 13.87 -24.34
CA ARG C 124 -22.69 12.60 -25.03
C ARG C 124 -22.01 12.79 -26.38
N THR C 125 -21.09 11.89 -26.72
CA THR C 125 -20.45 11.93 -28.03
C THR C 125 -20.69 10.70 -28.87
N VAL C 126 -21.22 9.63 -28.28
CA VAL C 126 -21.60 8.42 -29.01
C VAL C 126 -23.12 8.32 -28.96
N GLU C 127 -23.76 8.49 -30.11
CA GLU C 127 -25.22 8.37 -30.15
C GLU C 127 -25.64 6.92 -30.04
N SER C 128 -26.83 6.70 -29.48
CA SER C 128 -27.29 5.33 -29.29
C SER C 128 -27.42 4.60 -30.63
N ARG C 129 -27.78 5.30 -31.70
CA ARG C 129 -27.86 4.63 -33.00
C ARG C 129 -26.51 4.06 -33.42
N GLN C 130 -25.42 4.81 -33.19
CA GLN C 130 -24.09 4.29 -33.52
C GLN C 130 -23.80 3.00 -32.78
N ALA C 131 -24.11 2.97 -31.48
CA ALA C 131 -23.83 1.79 -30.67
C ALA C 131 -24.76 0.63 -31.03
N GLN C 132 -26.04 0.91 -31.31
CA GLN C 132 -26.95 -0.13 -31.78
C GLN C 132 -26.44 -0.75 -33.08
N ASP C 133 -25.97 0.10 -34.01
CA ASP C 133 -25.45 -0.42 -35.27
C ASP C 133 -24.24 -1.32 -35.04
N LEU C 134 -23.34 -0.90 -34.15
CA LEU C 134 -22.16 -1.73 -33.86
C LEU C 134 -22.58 -3.06 -33.25
N ALA C 135 -23.48 -3.02 -32.26
CA ALA C 135 -23.95 -4.25 -31.62
C ALA C 135 -24.61 -5.18 -32.62
N ARG C 136 -25.43 -4.62 -33.52
CA ARG C 136 -26.09 -5.45 -34.52
C ARG C 136 -25.06 -6.08 -35.46
N SER C 137 -24.02 -5.32 -35.83
CA SER C 137 -22.99 -5.87 -36.71
C SER C 137 -22.29 -7.06 -36.05
N TYR C 138 -22.22 -7.09 -34.72
CA TYR C 138 -21.63 -8.19 -33.97
C TYR C 138 -22.64 -9.26 -33.60
N GLY C 139 -23.93 -9.02 -33.76
CA GLY C 139 -24.93 -9.96 -33.30
C GLY C 139 -25.08 -10.05 -31.80
N ILE C 140 -24.91 -8.95 -31.07
CA ILE C 140 -24.99 -8.98 -29.61
C ILE C 140 -25.94 -7.89 -29.15
N PRO C 141 -26.47 -8.01 -27.93
CA PRO C 141 -27.35 -6.97 -27.39
C PRO C 141 -26.59 -5.71 -27.02
N TYR C 142 -27.33 -4.59 -27.00
CA TYR C 142 -26.82 -3.31 -26.53
C TYR C 142 -27.68 -2.85 -25.37
N ILE C 143 -27.05 -2.47 -24.26
CA ILE C 143 -27.73 -1.92 -23.09
C ILE C 143 -27.05 -0.62 -22.72
N GLU C 144 -27.83 0.44 -22.44
CA GLU C 144 -27.26 1.65 -21.87
C GLU C 144 -27.57 1.75 -20.38
N THR C 145 -26.60 2.26 -19.63
CA THR C 145 -26.70 2.30 -18.18
C THR C 145 -26.31 3.68 -17.67
N SER C 146 -26.82 4.03 -16.51
CA SER C 146 -26.39 5.23 -15.83
C SER C 146 -25.51 4.85 -14.64
N ALA C 147 -24.39 5.56 -14.47
CA ALA C 147 -23.48 5.33 -13.36
C ALA C 147 -23.96 5.94 -12.07
N LYS C 148 -25.08 6.65 -12.10
CA LYS C 148 -25.54 7.38 -10.95
C LYS C 148 -26.92 6.95 -10.46
N THR C 149 -27.80 6.49 -11.35
CA THR C 149 -29.18 6.22 -10.99
C THR C 149 -29.49 4.73 -10.95
N ARG C 150 -28.52 3.89 -11.30
CA ARG C 150 -28.64 2.45 -11.41
C ARG C 150 -29.51 2.01 -12.59
N GLN C 151 -30.00 2.93 -13.43
CA GLN C 151 -30.80 2.52 -14.57
C GLN C 151 -29.97 1.67 -15.51
N GLY C 152 -30.58 0.59 -16.01
CA GLY C 152 -29.95 -0.30 -16.98
C GLY C 152 -29.02 -1.33 -16.39
N VAL C 153 -28.63 -1.19 -15.12
CA VAL C 153 -27.59 -2.05 -14.56
C VAL C 153 -28.05 -3.50 -14.50
N GLU C 154 -29.23 -3.74 -13.92
N GLU C 154 -29.23 -3.74 -13.92
CA GLU C 154 -29.74 -5.10 -13.87
CA GLU C 154 -29.75 -5.09 -13.87
C GLU C 154 -29.96 -5.67 -15.27
C GLU C 154 -29.94 -5.66 -15.28
N ASP C 155 -30.47 -4.84 -16.19
CA ASP C 155 -30.69 -5.28 -17.56
C ASP C 155 -29.38 -5.74 -18.22
N ALA C 156 -28.28 -5.03 -17.96
CA ALA C 156 -27.02 -5.40 -18.58
C ALA C 156 -26.58 -6.80 -18.14
N PHE C 157 -26.58 -7.04 -16.82
CA PHE C 157 -26.12 -8.34 -16.33
C PHE C 157 -27.12 -9.45 -16.64
N TYR C 158 -28.42 -9.19 -16.48
CA TYR C 158 -29.40 -10.23 -16.75
C TYR C 158 -29.43 -10.60 -18.23
N THR C 159 -29.29 -9.61 -19.10
CA THR C 159 -29.22 -9.89 -20.53
C THR C 159 -28.03 -10.78 -20.85
N LEU C 160 -26.87 -10.50 -20.23
CA LEU C 160 -25.71 -11.35 -20.45
C LEU C 160 -25.96 -12.79 -19.98
N VAL C 161 -26.59 -12.95 -18.82
CA VAL C 161 -26.88 -14.30 -18.35
C VAL C 161 -27.80 -15.02 -19.33
N ARG C 162 -28.76 -14.30 -19.90
CA ARG C 162 -29.63 -14.91 -20.91
C ARG C 162 -28.84 -15.30 -22.16
N GLU C 163 -27.84 -14.51 -22.54
CA GLU C 163 -26.99 -14.88 -23.66
C GLU C 163 -26.22 -16.16 -23.35
N ILE C 164 -25.77 -16.32 -22.11
CA ILE C 164 -25.09 -17.56 -21.74
C ILE C 164 -26.06 -18.74 -21.79
N ARG C 165 -27.25 -18.56 -21.21
CA ARG C 165 -28.22 -19.65 -21.15
C ARG C 165 -28.65 -20.10 -22.53
N GLN C 166 -28.70 -19.19 -23.49
CA GLN C 166 -29.19 -19.47 -24.83
C GLN C 166 -28.06 -19.74 -25.82
N HIS C 167 -26.83 -19.88 -25.35
CA HIS C 167 -25.70 -20.07 -26.25
C HIS C 167 -25.83 -21.41 -26.98
PG GNP D . 13.44 12.03 21.37
O1G GNP D . 13.61 13.53 21.42
O2G GNP D . 12.47 11.68 20.24
O3G GNP D . 12.95 11.49 22.71
N3B GNP D . 14.97 11.38 21.01
PB GNP D . 15.20 9.78 20.65
O1B GNP D . 15.21 8.94 21.89
O2B GNP D . 14.20 9.30 19.65
O3A GNP D . 16.70 9.72 20.02
PA GNP D . 17.08 9.72 18.47
O1A GNP D . 16.70 8.36 17.88
O2A GNP D . 16.55 10.95 17.82
O5' GNP D . 18.64 9.76 18.54
C5' GNP D . 19.32 10.87 19.16
C4' GNP D . 20.73 10.92 18.62
O4' GNP D . 21.47 9.76 19.07
C3' GNP D . 20.87 10.96 17.10
O3' GNP D . 21.95 11.80 16.72
C2' GNP D . 21.17 9.50 16.76
O2' GNP D . 21.94 9.34 15.57
C1' GNP D . 22.01 9.08 17.97
N9 GNP D . 21.90 7.64 18.24
C8 GNP D . 20.74 6.93 18.43
N7 GNP D . 20.95 5.65 18.66
C5 GNP D . 22.34 5.52 18.60
C6 GNP D . 23.17 4.36 18.75
O6 GNP D . 22.82 3.21 18.98
N1 GNP D . 24.51 4.66 18.62
C2 GNP D . 25.01 5.92 18.37
N2 GNP D . 26.34 6.04 18.28
N3 GNP D . 24.24 7.00 18.23
C4 GNP D . 22.93 6.73 18.35
MG MG E . 12.54 10.22 18.82
N1 QTM F . -3.25 -26.97 -21.10
C4 QTM F . -1.69 -24.14 -17.66
C5 QTM F . -1.33 -22.92 -17.13
C6 QTM F . -0.63 -21.99 -17.86
C7 QTM F . -0.25 -22.29 -19.15
C8 QTM F . -0.61 -23.51 -19.70
C10 QTM F . 1.54 -24.05 -22.56
C13 QTM F . 3.26 -24.73 -20.53
C1 QTM F . -2.98 -25.70 -20.41
C11 QTM F . 2.86 -24.34 -22.85
C12 QTM F . 3.70 -24.68 -21.83
C14 QTM F . 1.95 -24.43 -20.24
C2 QTM F . -1.70 -25.78 -19.60
C3 QTM F . -1.32 -24.45 -18.97
C9 QTM F . 1.09 -24.09 -21.26
F1 QTM F . 5.00 -24.97 -22.11
N2 QTM F . -3.37 -22.19 -15.49
O1 QTM F . -0.24 -23.81 -20.99
O2 QTM F . -1.63 -23.71 -14.70
O3 QTM F . -1.11 -21.33 -15.11
S1 QTM F . -1.81 -22.53 -15.48
CL1 QTM F . 4.33 -25.16 -19.24
C FMT G . -10.58 17.98 30.51
O1 FMT G . -11.29 18.93 30.18
O2 FMT G . -9.91 17.31 29.72
C FMT H . 34.48 -15.03 -15.07
O1 FMT H . 34.33 -15.55 -16.19
O2 FMT H . 33.90 -15.42 -14.05
C FMT I . 1.68 13.51 21.29
O1 FMT I . 0.84 13.75 20.42
O2 FMT I . 1.41 13.15 22.44
C FMT J . -10.06 19.62 21.91
O1 FMT J . -8.85 19.56 21.72
O2 FMT J . -10.60 19.16 22.91
C FMT K . 23.13 -23.17 -33.94
O1 FMT K . 22.67 -22.20 -34.53
O2 FMT K . 22.44 -24.10 -33.51
C1 GOL L . 17.24 -2.54 -1.28
O1 GOL L . 17.75 -1.34 -0.75
C2 GOL L . 16.42 -2.13 -2.50
O2 GOL L . 17.25 -1.65 -3.52
C3 GOL L . 15.58 -3.37 -2.93
O3 GOL L . 14.83 -3.85 -1.82
C1 GOL M . 17.98 -16.61 -4.52
O1 GOL M . 18.72 -15.67 -3.80
C2 GOL M . 18.39 -18.01 -4.03
O2 GOL M . 18.74 -18.03 -2.69
C3 GOL M . 17.14 -18.85 -4.25
O3 GOL M . 17.47 -19.85 -5.15
C FMT N . -13.20 2.85 -14.30
O1 FMT N . -13.86 2.75 -13.25
O2 FMT N . -12.22 2.17 -14.63
NA NA O . -15.33 11.82 -26.95
#